data_5O2N
#
_entry.id   5O2N
#
_cell.length_a   67.100
_cell.length_b   72.600
_cell.length_c   125.000
_cell.angle_alpha   90.00
_cell.angle_beta   90.00
_cell.angle_gamma   90.00
#
_symmetry.space_group_name_H-M   'P 21 21 21'
#
loop_
_entity.id
_entity.type
_entity.pdbx_description
1 polymer Transglycosylase
2 branched 2-acetamido-2-deoxy-beta-D-glucopyranose-(1-4)-2-acetamido-2-deoxy-beta-D-glucopyranose-(1-4)-2-acetamido-2-deoxy-beta-D-glucopyranose-(1-4)-2-acetamido-2-deoxy-alpha-D-glucopyranose
3 non-polymer 2-acetamido-2-deoxy-beta-D-glucopyranose
4 non-polymer 'CITRATE ANION'
5 water water
#
_entity_poly.entity_id   1
_entity_poly.type   'polypeptide(L)'
_entity_poly.pdbx_seq_one_letter_code
;(MSE)YLPS(MSE)KHSLPLLAALVLAACSSTNTLPAGKTPADNIETADLSASVPTRPAEPERKTLADYGGYPSALDAVK
QKNDAAVAAYLENAGDSA(MSE)AENVRNEWLKSLGARRQWTLFAQEYAKLEPAGRAQEVECYADSSRNDYTRAAELVKN
TGKLPSGCTKLLEQAAASGLLDGNDAWRRVRGLLAGRQTTDARNLAAALGSPFDGGTQGSREYALLNVIGKEARKSPNAA
ALLSE(MSE)ESGLSLEQRSFAWGVLGHYQSQNLNVPAALDYYGKVADRRQLTDDQIEWYARAALRARRWDELASVISH
(MSE)PEKLQKSPTWLYWLARSRAATGNTQEAEKLYKQAAATGRNFYAVLAGEELGRKIDTRNNVPDAGKNSVRR(MSE)
AEDGAVKRALVLFQNSQSAGDAK(MSE)RRQAQAEWRFATRGFDEDKLLTAAQTAFDHGFYD(MSE)AVNSAERTDRKLN
YTLRYISPFKDTVIRHAQNVNVDPAWVYGLIRQESRFVIGAQSRVGAQGL(MSE)QV(MSE)PATAREIAGKIG(MSE)D
AAQLYTADGNIR(MSE)GTWY(MSE)ADTKRRLQNNEVLATAGYNAGPGRARRWQADTPLEGAVYAETIPFSETRDYVKK
V(MSE)ANAAYYAALFGAPHIPLKQR(MSE)GIVPAR
;
_entity_poly.pdbx_strand_id   A
#
loop_
_chem_comp.id
_chem_comp.type
_chem_comp.name
_chem_comp.formula
FLC non-polymer 'CITRATE ANION' 'C6 H5 O7 -3'
NAG D-saccharide, beta linking 2-acetamido-2-deoxy-beta-D-glucopyranose 'C8 H15 N O6'
NDG D-saccharide, alpha linking 2-acetamido-2-deoxy-alpha-D-glucopyranose 'C8 H15 N O6'
#
# COMPACT_ATOMS: atom_id res chain seq x y z
N ALA A 40 -6.62 -31.78 -10.84
CA ALA A 40 -5.36 -31.33 -10.25
C ALA A 40 -5.19 -31.84 -8.83
N ASP A 41 -3.99 -32.31 -8.51
CA ASP A 41 -3.55 -32.50 -7.13
C ASP A 41 -2.66 -31.32 -6.76
N LEU A 42 -2.70 -30.93 -5.48
CA LEU A 42 -1.65 -30.10 -4.94
C LEU A 42 -0.47 -30.98 -4.57
N SER A 43 0.73 -30.44 -4.71
CA SER A 43 1.92 -31.19 -4.32
C SER A 43 2.02 -31.31 -2.80
N ALA A 44 2.50 -32.47 -2.36
CA ALA A 44 2.76 -32.73 -0.94
C ALA A 44 4.13 -32.24 -0.49
N SER A 45 4.94 -31.69 -1.39
CA SER A 45 6.29 -31.24 -1.06
C SER A 45 6.23 -30.09 -0.07
N VAL A 46 6.86 -30.27 1.09
CA VAL A 46 6.96 -29.18 2.06
C VAL A 46 8.41 -29.04 2.48
N PRO A 47 8.82 -27.86 2.92
CA PRO A 47 10.19 -27.69 3.44
C PRO A 47 10.37 -28.44 4.74
N THR A 48 11.64 -28.75 5.04
CA THR A 48 12.03 -29.47 6.25
C THR A 48 13.23 -28.79 6.91
N ARG A 49 13.16 -27.47 7.01
CA ARG A 49 14.25 -26.71 7.59
C ARG A 49 14.43 -27.07 9.07
N PRO A 50 15.67 -26.99 9.56
CA PRO A 50 15.94 -27.39 10.95
C PRO A 50 15.02 -26.68 11.92
N ALA A 51 14.41 -27.46 12.81
CA ALA A 51 13.54 -26.94 13.85
C ALA A 51 14.32 -26.78 15.15
N GLU A 52 13.90 -25.82 15.94
CA GLU A 52 14.49 -25.59 17.25
C GLU A 52 13.39 -25.75 18.30
N PRO A 53 13.76 -26.03 19.55
CA PRO A 53 12.76 -26.15 20.60
C PRO A 53 12.03 -24.84 20.81
N GLU A 54 10.77 -24.96 21.27
CA GLU A 54 10.02 -23.79 21.70
C GLU A 54 10.81 -22.91 22.66
N ARG A 55 11.52 -23.53 23.60
CA ARG A 55 12.31 -22.78 24.57
C ARG A 55 13.31 -21.86 23.88
N LYS A 56 13.93 -22.35 22.79
CA LYS A 56 14.93 -21.56 22.09
C LYS A 56 14.26 -20.39 21.37
N THR A 57 13.16 -20.65 20.66
CA THR A 57 12.42 -19.57 20.01
C THR A 57 12.06 -18.49 21.02
N LEU A 58 11.52 -18.88 22.18
CA LEU A 58 11.08 -17.90 23.16
C LEU A 58 12.27 -17.17 23.79
N ALA A 59 13.38 -17.88 24.03
CA ALA A 59 14.58 -17.21 24.54
C ALA A 59 15.12 -16.19 23.55
N ASP A 60 15.18 -16.57 22.27
CA ASP A 60 15.64 -15.61 21.26
C ASP A 60 14.71 -14.40 21.17
N TYR A 61 13.39 -14.63 21.27
CA TYR A 61 12.50 -13.47 21.27
C TYR A 61 12.70 -12.62 22.52
N GLY A 62 13.02 -13.26 23.65
CA GLY A 62 13.30 -12.51 24.85
C GLY A 62 14.38 -11.47 24.67
N GLY A 63 15.38 -11.76 23.84
CA GLY A 63 16.47 -10.84 23.57
C GLY A 63 16.29 -9.96 22.34
N TYR A 64 15.21 -10.15 21.57
CA TYR A 64 15.06 -9.44 20.31
C TYR A 64 14.92 -7.93 20.48
N PRO A 65 14.05 -7.40 21.37
CA PRO A 65 13.98 -5.95 21.51
C PRO A 65 15.29 -5.32 21.98
N SER A 66 16.00 -6.01 22.87
CA SER A 66 17.28 -5.49 23.34
C SER A 66 18.33 -5.47 22.23
N ALA A 67 18.27 -6.43 21.31
CA ALA A 67 19.21 -6.42 20.18
C ALA A 67 18.94 -5.23 19.27
N LEU A 68 17.66 -4.92 19.02
CA LEU A 68 17.35 -3.75 18.22
C LEU A 68 17.79 -2.47 18.92
N ASP A 69 17.63 -2.42 20.25
CA ASP A 69 18.14 -1.28 21.01
C ASP A 69 19.66 -1.17 20.88
N ALA A 70 20.35 -2.31 20.90
CA ALA A 70 21.81 -2.30 20.80
C ALA A 70 22.25 -1.73 19.46
N VAL A 71 21.51 -2.02 18.39
CA VAL A 71 21.83 -1.39 17.10
C VAL A 71 21.71 0.14 17.23
N LYS A 72 20.60 0.61 17.81
CA LYS A 72 20.43 2.05 17.94
C LYS A 72 21.52 2.68 18.80
N GLN A 73 21.95 1.98 19.84
CA GLN A 73 23.00 2.46 20.72
C GLN A 73 24.41 2.24 20.17
N LYS A 74 24.52 1.64 18.99
CA LYS A 74 25.82 1.34 18.36
C LYS A 74 26.67 0.44 19.26
N ASN A 75 26.00 -0.48 19.95
CA ASN A 75 26.67 -1.49 20.77
C ASN A 75 26.90 -2.72 19.90
N ASP A 76 27.96 -2.67 19.10
CA ASP A 76 28.20 -3.73 18.11
C ASP A 76 28.49 -5.06 18.79
N ALA A 77 29.11 -5.04 19.96
CA ALA A 77 29.41 -6.31 20.63
C ALA A 77 28.12 -6.99 21.06
N ALA A 78 27.14 -6.22 21.52
CA ALA A 78 25.86 -6.79 21.93
C ALA A 78 25.10 -7.35 20.73
N VAL A 79 25.11 -6.65 19.60
CA VAL A 79 24.40 -7.14 18.43
C VAL A 79 25.05 -8.44 17.95
N ALA A 80 26.38 -8.45 17.88
CA ALA A 80 27.09 -9.64 17.42
C ALA A 80 26.76 -10.82 18.33
N ALA A 81 26.70 -10.59 19.64
CA ALA A 81 26.41 -11.67 20.57
C ALA A 81 25.00 -12.21 20.38
N TYR A 82 24.03 -11.33 20.13
CA TYR A 82 22.68 -11.81 19.88
C TYR A 82 22.62 -12.68 18.63
N LEU A 83 23.29 -12.26 17.56
CA LEU A 83 23.24 -12.99 16.30
C LEU A 83 24.06 -14.27 16.34
N GLU A 84 25.06 -14.36 17.23
CA GLU A 84 26.02 -15.45 17.17
C GLU A 84 25.35 -16.81 17.21
N ASN A 85 24.35 -16.99 18.08
CA ASN A 85 23.68 -18.28 18.20
C ASN A 85 22.20 -18.20 17.86
N ALA A 86 21.77 -17.11 17.21
CA ALA A 86 20.40 -17.00 16.74
C ALA A 86 20.06 -18.13 15.76
N GLY A 87 18.79 -18.51 15.75
CA GLY A 87 18.29 -19.33 14.67
C GLY A 87 18.25 -18.54 13.37
N ASP A 88 18.04 -19.27 12.27
CA ASP A 88 17.87 -18.67 10.96
C ASP A 88 16.42 -18.21 10.85
N SER A 89 16.17 -17.01 11.39
CA SER A 89 14.85 -16.52 11.73
C SER A 89 14.66 -15.11 11.17
N ALA A 90 13.41 -14.67 11.19
CA ALA A 90 13.15 -13.27 10.88
C ALA A 90 13.73 -12.35 11.95
N MSE A 91 13.80 -12.81 13.20
CA MSE A 91 14.45 -12.03 14.25
C MSE A 91 15.88 -11.70 13.88
O MSE A 91 16.30 -10.54 13.93
CB MSE A 91 14.42 -12.78 15.58
CG MSE A 91 13.07 -12.74 16.28
SE MSE A 91 13.04 -13.88 17.86
CE MSE A 91 12.85 -15.59 16.98
N ALA A 92 16.61 -12.74 13.49
CA ALA A 92 18.01 -12.53 13.11
C ALA A 92 18.10 -11.68 11.85
N GLU A 93 17.24 -11.92 10.87
CA GLU A 93 17.28 -11.14 9.64
C GLU A 93 17.00 -9.67 9.90
N ASN A 94 16.00 -9.39 10.75
CA ASN A 94 15.64 -8.01 11.08
C ASN A 94 16.78 -7.31 11.82
N VAL A 95 17.35 -7.97 12.84
CA VAL A 95 18.46 -7.37 13.57
C VAL A 95 19.63 -7.13 12.63
N ARG A 96 19.95 -8.13 11.80
CA ARG A 96 21.08 -8.00 10.88
C ARG A 96 20.88 -6.84 9.90
N ASN A 97 19.67 -6.72 9.32
CA ASN A 97 19.40 -5.61 8.40
C ASN A 97 19.54 -4.27 9.11
N GLU A 98 18.96 -4.13 10.31
CA GLU A 98 19.08 -2.86 11.01
C GLU A 98 20.52 -2.57 11.38
N TRP A 99 21.26 -3.61 11.77
CA TRP A 99 22.68 -3.45 12.09
C TRP A 99 23.46 -2.96 10.88
N LEU A 100 23.21 -3.58 9.72
CA LEU A 100 23.91 -3.21 8.51
C LEU A 100 23.64 -1.77 8.10
N LYS A 101 22.40 -1.30 8.28
CA LYS A 101 22.15 0.12 7.98
C LYS A 101 23.04 1.02 8.84
N SER A 102 23.19 0.67 10.12
CA SER A 102 24.04 1.44 11.02
C SER A 102 25.51 1.33 10.65
N LEU A 103 25.96 0.10 10.32
CA LEU A 103 27.35 -0.10 9.93
C LEU A 103 27.67 0.65 8.64
N GLY A 104 26.76 0.62 7.66
CA GLY A 104 26.97 1.38 6.44
C GLY A 104 27.06 2.87 6.70
N ALA A 105 26.17 3.39 7.54
CA ALA A 105 26.21 4.82 7.85
C ALA A 105 27.51 5.20 8.53
N ARG A 106 28.09 4.28 9.30
CA ARG A 106 29.33 4.53 10.01
C ARG A 106 30.56 4.08 9.23
N ARG A 107 30.39 3.63 7.98
CA ARG A 107 31.48 3.20 7.09
C ARG A 107 32.34 2.12 7.75
N GLN A 108 31.68 1.17 8.41
CA GLN A 108 32.37 0.00 8.96
C GLN A 108 32.29 -1.16 7.97
N TRP A 109 33.05 -1.03 6.88
CA TRP A 109 32.80 -1.86 5.71
C TRP A 109 33.29 -3.31 5.84
N THR A 110 34.32 -3.58 6.65
CA THR A 110 34.76 -4.96 6.79
C THR A 110 33.69 -5.79 7.50
N LEU A 111 33.18 -5.27 8.62
CA LEU A 111 32.10 -5.95 9.33
C LEU A 111 30.83 -5.93 8.50
N PHE A 112 30.56 -4.82 7.80
CA PHE A 112 29.39 -4.76 6.93
C PHE A 112 29.41 -5.91 5.92
N ALA A 113 30.53 -6.07 5.21
CA ALA A 113 30.61 -7.09 4.17
C ALA A 113 30.42 -8.49 4.74
N GLN A 114 30.97 -8.73 5.93
CA GLN A 114 30.83 -10.03 6.57
C GLN A 114 29.37 -10.34 6.89
N GLU A 115 28.65 -9.38 7.48
CA GLU A 115 27.26 -9.63 7.84
C GLU A 115 26.33 -9.59 6.64
N TYR A 116 26.63 -8.76 5.64
CA TYR A 116 25.79 -8.69 4.45
C TYR A 116 25.65 -10.06 3.79
N ALA A 117 26.74 -10.82 3.73
CA ALA A 117 26.72 -12.11 3.07
C ALA A 117 25.89 -13.14 3.82
N LYS A 118 25.56 -12.88 5.09
CA LYS A 118 24.77 -13.82 5.88
C LYS A 118 23.29 -13.71 5.61
N LEU A 119 22.84 -12.61 5.00
CA LEU A 119 21.43 -12.45 4.69
C LEU A 119 21.02 -13.37 3.57
N GLU A 120 19.78 -13.86 3.64
CA GLU A 120 19.16 -14.44 2.46
C GLU A 120 18.96 -13.33 1.43
N PRO A 121 19.32 -13.54 0.16
CA PRO A 121 19.23 -12.44 -0.81
C PRO A 121 17.88 -11.76 -0.87
N ALA A 122 16.78 -12.52 -0.84
CA ALA A 122 15.46 -11.90 -0.86
C ALA A 122 15.13 -11.20 0.46
N GLY A 123 15.94 -11.40 1.49
CA GLY A 123 15.76 -10.73 2.76
C GLY A 123 16.59 -9.48 2.96
N ARG A 124 17.45 -9.13 2.01
CA ARG A 124 18.23 -7.89 2.13
C ARG A 124 17.33 -6.68 2.00
N ALA A 125 17.44 -5.76 2.94
CA ALA A 125 16.70 -4.51 2.87
C ALA A 125 17.24 -3.64 1.74
N GLN A 126 16.35 -2.81 1.18
CA GLN A 126 16.73 -1.91 0.09
C GLN A 126 17.93 -1.05 0.46
N GLU A 127 17.88 -0.40 1.64
CA GLU A 127 18.98 0.47 2.03
C GLU A 127 20.28 -0.30 2.22
N VAL A 128 20.19 -1.55 2.68
CA VAL A 128 21.38 -2.37 2.85
C VAL A 128 22.02 -2.65 1.50
N GLU A 129 21.19 -2.97 0.49
CA GLU A 129 21.69 -3.18 -0.87
C GLU A 129 22.38 -1.93 -1.41
N CYS A 130 21.81 -0.76 -1.15
CA CYS A 130 22.42 0.48 -1.63
C CYS A 130 23.79 0.70 -0.99
N TYR A 131 23.89 0.49 0.34
CA TYR A 131 25.17 0.59 1.02
C TYR A 131 26.18 -0.38 0.45
N ALA A 132 25.78 -1.64 0.28
CA ALA A 132 26.70 -2.66 -0.24
C ALA A 132 27.23 -2.28 -1.61
N ASP A 133 26.33 -1.89 -2.53
CA ASP A 133 26.77 -1.51 -3.86
C ASP A 133 27.66 -0.27 -3.82
N SER A 134 27.27 0.73 -3.02
CA SER A 134 28.09 1.95 -2.90
C SER A 134 29.49 1.63 -2.44
N SER A 135 29.62 0.69 -1.50
CA SER A 135 30.93 0.33 -0.95
C SER A 135 31.82 -0.30 -2.00
N ARG A 136 31.24 -0.81 -3.08
CA ARG A 136 31.96 -1.37 -4.21
C ARG A 136 31.96 -0.46 -5.42
N ASN A 137 31.50 0.78 -5.26
CA ASN A 137 31.45 1.79 -6.34
C ASN A 137 30.61 1.31 -7.51
N ASP A 138 29.61 0.48 -7.22
CA ASP A 138 28.76 -0.12 -8.23
C ASP A 138 27.43 0.63 -8.24
N TYR A 139 27.19 1.45 -9.27
CA TYR A 139 26.00 2.27 -9.32
C TYR A 139 24.95 1.72 -10.30
N THR A 140 24.97 0.40 -10.52
CA THR A 140 23.96 -0.29 -11.31
C THR A 140 22.54 0.13 -10.93
N ARG A 141 22.26 0.24 -9.62
CA ARG A 141 20.90 0.50 -9.19
C ARG A 141 20.46 1.93 -9.45
N ALA A 142 21.41 2.83 -9.74
CA ALA A 142 21.07 4.25 -9.82
C ALA A 142 20.07 4.56 -10.92
N ALA A 143 20.14 3.85 -12.06
CA ALA A 143 19.30 4.19 -13.20
C ALA A 143 17.81 4.07 -12.88
N GLU A 144 17.45 3.06 -12.09
CA GLU A 144 16.06 2.94 -11.66
C GLU A 144 15.75 3.76 -10.41
N LEU A 145 16.69 3.83 -9.47
CA LEU A 145 16.45 4.57 -8.23
C LEU A 145 16.20 6.05 -8.50
N VAL A 146 16.87 6.62 -9.50
CA VAL A 146 16.75 8.06 -9.75
C VAL A 146 15.36 8.43 -10.27
N LYS A 147 14.60 7.45 -10.77
CA LYS A 147 13.22 7.71 -11.20
C LYS A 147 12.32 8.06 -10.02
N ASN A 148 12.75 7.71 -8.81
CA ASN A 148 11.98 8.03 -7.62
C ASN A 148 12.15 9.50 -7.30
N THR A 149 11.03 10.21 -7.13
CA THR A 149 11.07 11.64 -6.86
C THR A 149 10.78 11.99 -5.41
N GLY A 150 10.78 11.00 -4.51
CA GLY A 150 10.54 11.28 -3.11
C GLY A 150 11.65 10.82 -2.20
N LYS A 151 11.39 10.85 -0.90
CA LYS A 151 12.39 10.44 0.10
C LYS A 151 12.79 8.98 -0.10
N LEU A 152 14.10 8.75 -0.12
CA LEU A 152 14.70 7.42 -0.08
C LEU A 152 15.50 7.27 1.21
N PRO A 153 15.71 6.02 1.65
CA PRO A 153 16.59 5.80 2.80
C PRO A 153 17.97 6.39 2.55
N SER A 154 18.67 6.72 3.63
CA SER A 154 19.92 7.46 3.51
C SER A 154 20.92 6.74 2.60
N GLY A 155 21.09 5.43 2.79
CA GLY A 155 22.06 4.70 1.96
C GLY A 155 21.76 4.83 0.48
N CYS A 156 20.47 4.83 0.12
CA CYS A 156 20.10 4.95 -1.29
C CYS A 156 20.20 6.39 -1.78
N THR A 157 19.82 7.34 -0.93
CA THR A 157 20.03 8.75 -1.26
C THR A 157 21.49 9.03 -1.57
N LYS A 158 22.40 8.48 -0.74
CA LYS A 158 23.82 8.71 -0.93
C LYS A 158 24.36 7.98 -2.16
N LEU A 159 23.84 6.78 -2.43
CA LEU A 159 24.23 6.09 -3.66
C LEU A 159 23.97 6.98 -4.87
N LEU A 160 22.80 7.64 -4.91
CA LEU A 160 22.46 8.50 -6.02
C LEU A 160 23.37 9.73 -6.08
N GLU A 161 23.69 10.32 -4.93
CA GLU A 161 24.60 11.47 -4.93
C GLU A 161 25.97 11.08 -5.43
N GLN A 162 26.46 9.90 -5.02
CA GLN A 162 27.75 9.43 -5.51
C GLN A 162 27.72 9.17 -7.01
N ALA A 163 26.64 8.55 -7.51
CA ALA A 163 26.51 8.35 -8.94
C ALA A 163 26.50 9.69 -9.68
N ALA A 164 25.76 10.66 -9.16
CA ALA A 164 25.70 11.97 -9.82
C ALA A 164 27.08 12.60 -9.91
N ALA A 165 27.86 12.53 -8.83
CA ALA A 165 29.15 13.20 -8.81
C ALA A 165 30.14 12.56 -9.78
N SER A 166 29.95 11.29 -10.11
CA SER A 166 30.79 10.61 -11.09
C SER A 166 30.22 10.64 -12.51
N GLY A 167 29.15 11.41 -12.73
CA GLY A 167 28.60 11.52 -14.07
C GLY A 167 27.90 10.25 -14.51
N LEU A 168 27.34 9.50 -13.58
CA LEU A 168 26.73 8.21 -13.89
C LEU A 168 25.21 8.25 -13.84
N LEU A 169 24.61 9.43 -13.75
CA LEU A 169 23.16 9.59 -13.73
C LEU A 169 22.68 10.26 -15.01
N ASP A 170 21.54 9.80 -15.51
CA ASP A 170 20.82 10.52 -16.55
C ASP A 170 20.42 11.91 -16.05
N GLY A 171 20.84 12.94 -16.77
CA GLY A 171 20.58 14.31 -16.31
C GLY A 171 19.10 14.65 -16.22
N ASN A 172 18.33 14.28 -17.24
CA ASN A 172 16.90 14.55 -17.19
C ASN A 172 16.26 13.95 -15.94
N ASP A 173 16.55 12.67 -15.66
CA ASP A 173 15.99 12.02 -14.49
C ASP A 173 16.51 12.65 -13.21
N ALA A 174 17.80 12.98 -13.16
CA ALA A 174 18.40 13.53 -11.95
C ALA A 174 17.74 14.85 -11.58
N TRP A 175 17.54 15.76 -12.55
CA TRP A 175 16.95 17.03 -12.23
C TRP A 175 15.46 16.90 -11.93
N ARG A 176 14.78 15.95 -12.57
CA ARG A 176 13.41 15.65 -12.18
C ARG A 176 13.36 15.22 -10.71
N ARG A 177 14.33 14.45 -10.26
CA ARG A 177 14.37 14.05 -8.85
C ARG A 177 14.65 15.26 -7.95
N VAL A 178 15.57 16.14 -8.34
CA VAL A 178 15.81 17.36 -7.58
C VAL A 178 14.51 18.12 -7.39
N ARG A 179 13.75 18.30 -8.47
CA ARG A 179 12.48 19.04 -8.40
C ARG A 179 11.49 18.32 -7.52
N GLY A 180 11.38 16.99 -7.69
CA GLY A 180 10.47 16.23 -6.83
C GLY A 180 10.82 16.35 -5.36
N LEU A 181 12.11 16.35 -5.03
CA LEU A 181 12.51 16.51 -3.64
C LEU A 181 12.18 17.91 -3.13
N LEU A 182 12.37 18.93 -3.98
CA LEU A 182 12.00 20.30 -3.59
C LEU A 182 10.51 20.38 -3.30
N ALA A 183 9.68 19.82 -4.18
CA ALA A 183 8.24 19.88 -4.00
C ALA A 183 7.76 19.04 -2.83
N GLY A 184 8.55 18.06 -2.41
CA GLY A 184 8.21 17.21 -1.29
C GLY A 184 8.82 17.65 0.02
N ARG A 185 9.37 18.87 0.07
CA ARG A 185 10.01 19.37 1.29
C ARG A 185 11.17 18.51 1.74
N GLN A 186 11.85 17.89 0.79
CA GLN A 186 13.12 17.24 1.07
C GLN A 186 14.26 18.14 0.59
N THR A 187 14.32 19.32 1.20
CA THR A 187 15.16 20.39 0.67
C THR A 187 16.64 20.04 0.80
N THR A 188 17.03 19.43 1.91
CA THR A 188 18.44 19.06 2.07
C THR A 188 18.85 18.02 1.04
N ASP A 189 18.02 17.01 0.81
CA ASP A 189 18.34 16.01 -0.21
C ASP A 189 18.38 16.63 -1.60
N ALA A 190 17.45 17.54 -1.90
CA ALA A 190 17.49 18.24 -3.18
C ALA A 190 18.78 19.03 -3.33
N ARG A 191 19.17 19.76 -2.27
CA ARG A 191 20.38 20.55 -2.30
C ARG A 191 21.60 19.67 -2.53
N ASN A 192 21.66 18.53 -1.83
CA ASN A 192 22.84 17.68 -1.93
C ASN A 192 22.93 17.02 -3.30
N LEU A 193 21.80 16.63 -3.88
CA LEU A 193 21.84 16.07 -5.24
C LEU A 193 22.24 17.13 -6.26
N ALA A 194 21.71 18.35 -6.15
CA ALA A 194 22.09 19.41 -7.08
C ALA A 194 23.58 19.70 -6.99
N ALA A 195 24.12 19.73 -5.77
CA ALA A 195 25.55 19.95 -5.61
C ALA A 195 26.36 18.83 -6.25
N ALA A 196 25.91 17.59 -6.09
CA ALA A 196 26.59 16.45 -6.70
C ALA A 196 26.55 16.49 -8.22
N LEU A 197 25.48 17.05 -8.79
CA LEU A 197 25.37 17.26 -10.22
C LEU A 197 26.22 18.42 -10.71
N GLY A 198 26.91 19.12 -9.82
CA GLY A 198 27.77 20.22 -10.22
C GLY A 198 27.07 21.55 -10.39
N SER A 199 25.85 21.70 -9.90
CA SER A 199 25.10 22.94 -10.03
C SER A 199 24.40 23.21 -8.71
N PRO A 200 25.14 23.67 -7.69
CA PRO A 200 24.56 23.80 -6.35
C PRO A 200 23.59 24.96 -6.26
N PHE A 201 22.75 24.92 -5.22
CA PHE A 201 21.73 25.95 -5.03
C PHE A 201 22.33 27.33 -4.85
N ASP A 202 23.53 27.43 -4.30
CA ASP A 202 24.20 28.72 -4.16
C ASP A 202 25.14 29.02 -5.31
N GLY A 203 25.14 28.19 -6.36
CA GLY A 203 25.86 28.49 -7.56
C GLY A 203 25.15 29.58 -8.32
N GLY A 204 25.63 29.84 -9.53
CA GLY A 204 24.98 30.82 -10.37
C GLY A 204 24.09 30.23 -11.45
N THR A 205 23.83 28.91 -11.43
CA THR A 205 23.34 28.24 -12.61
C THR A 205 22.03 27.49 -12.38
N GLN A 206 21.90 26.28 -12.93
CA GLN A 206 20.60 25.60 -12.95
C GLN A 206 20.07 25.36 -11.54
N GLY A 207 20.91 24.82 -10.66
CA GLY A 207 20.46 24.53 -9.30
C GLY A 207 19.87 25.73 -8.59
N SER A 208 20.50 26.90 -8.73
CA SER A 208 19.95 28.09 -8.09
C SER A 208 18.59 28.44 -8.68
N ARG A 209 18.41 28.24 -9.98
CA ARG A 209 17.12 28.50 -10.61
C ARG A 209 16.05 27.52 -10.13
N GLU A 210 16.41 26.24 -9.99
CA GLU A 210 15.43 25.26 -9.50
C GLU A 210 14.99 25.62 -8.09
N TYR A 211 15.96 25.98 -7.24
CA TYR A 211 15.68 26.31 -5.84
C TYR A 211 14.82 27.57 -5.72
N ALA A 212 15.08 28.57 -6.55
CA ALA A 212 14.28 29.80 -6.49
C ALA A 212 12.83 29.54 -6.84
N LEU A 213 12.54 28.50 -7.61
CA LEU A 213 11.18 28.21 -8.03
C LEU A 213 10.30 27.73 -6.89
N LEU A 214 10.86 27.56 -5.69
CA LEU A 214 10.04 27.26 -4.53
C LEU A 214 8.99 28.35 -4.26
N ASN A 215 9.16 29.55 -4.81
CA ASN A 215 8.13 30.56 -4.62
C ASN A 215 6.85 30.20 -5.36
N VAL A 216 6.93 29.22 -6.26
CA VAL A 216 5.76 28.65 -6.93
C VAL A 216 5.47 27.24 -6.42
N ILE A 217 6.51 26.40 -6.31
CA ILE A 217 6.29 24.96 -6.13
C ILE A 217 6.41 24.50 -4.68
N GLY A 218 6.67 25.42 -3.74
CA GLY A 218 6.69 25.04 -2.34
C GLY A 218 5.35 24.49 -1.87
N LYS A 219 5.41 23.71 -0.79
CA LYS A 219 4.20 23.08 -0.25
C LYS A 219 3.12 24.11 0.08
N GLU A 220 3.50 25.25 0.64
CA GLU A 220 2.54 26.31 0.92
C GLU A 220 2.35 27.24 -0.27
N ALA A 221 3.43 27.59 -0.96
CA ALA A 221 3.36 28.50 -2.09
C ALA A 221 2.37 28.01 -3.15
N ARG A 222 2.33 26.70 -3.39
CA ARG A 222 1.50 26.17 -4.46
CA ARG A 222 1.50 26.16 -4.47
C ARG A 222 0.01 26.38 -4.21
N LYS A 223 -0.37 26.62 -2.98
CA LYS A 223 -1.78 26.84 -2.64
C LYS A 223 -2.20 28.29 -2.81
N SER A 224 -1.24 29.21 -2.94
CA SER A 224 -1.56 30.62 -2.99
C SER A 224 -2.49 30.90 -4.17
N PRO A 225 -3.47 31.79 -3.99
CA PRO A 225 -4.32 32.18 -5.12
C PRO A 225 -3.54 32.85 -6.23
N ASN A 226 -2.32 33.32 -5.97
CA ASN A 226 -1.49 33.99 -6.97
C ASN A 226 -0.40 33.08 -7.55
N ALA A 227 -0.38 31.80 -7.18
CA ALA A 227 0.70 30.93 -7.64
C ALA A 227 0.72 30.81 -9.16
N ALA A 228 -0.44 30.61 -9.78
CA ALA A 228 -0.48 30.47 -11.24
C ALA A 228 -0.13 31.78 -11.92
N ALA A 229 -0.58 32.91 -11.37
CA ALA A 229 -0.23 34.20 -11.94
C ALA A 229 1.26 34.45 -11.84
N LEU A 230 1.85 34.09 -10.70
CA LEU A 230 3.29 34.23 -10.51
C LEU A 230 4.06 33.36 -11.51
N LEU A 231 3.64 32.10 -11.66
CA LEU A 231 4.31 31.22 -12.62
C LEU A 231 4.15 31.74 -14.05
N SER A 232 2.97 32.23 -14.40
CA SER A 232 2.77 32.78 -15.75
C SER A 232 3.69 33.96 -16.00
N GLU A 233 3.93 34.79 -14.99
CA GLU A 233 4.81 35.93 -15.18
C GLU A 233 6.27 35.52 -15.40
N MSE A 234 6.69 34.38 -14.87
CA MSE A 234 8.10 34.03 -14.94
C MSE A 234 8.38 32.94 -15.98
O MSE A 234 9.54 32.62 -16.24
CB MSE A 234 8.60 33.57 -13.58
CG MSE A 234 8.17 32.16 -13.25
SE MSE A 234 8.63 31.75 -11.41
CE MSE A 234 7.51 33.05 -10.57
N GLU A 235 7.31 32.40 -16.55
CA GLU A 235 7.39 31.26 -17.48
C GLU A 235 8.45 31.46 -18.55
N SER A 236 8.48 32.64 -19.16
CA SER A 236 9.37 32.85 -20.30
C SER A 236 10.83 32.68 -19.93
N GLY A 237 11.16 32.88 -18.65
CA GLY A 237 12.51 32.71 -18.17
C GLY A 237 12.87 31.33 -17.70
N LEU A 238 11.95 30.37 -17.79
CA LEU A 238 12.16 29.01 -17.33
C LEU A 238 12.43 28.08 -18.50
N SER A 239 13.14 26.98 -18.22
CA SER A 239 13.34 25.94 -19.22
C SER A 239 12.05 25.16 -19.42
N LEU A 240 12.01 24.41 -20.53
CA LEU A 240 10.87 23.54 -20.80
C LEU A 240 10.59 22.62 -19.61
N GLU A 241 11.65 22.06 -19.03
CA GLU A 241 11.46 21.09 -17.95
C GLU A 241 10.97 21.77 -16.68
N GLN A 242 11.54 22.93 -16.33
CA GLN A 242 11.09 23.67 -15.17
C GLN A 242 9.64 24.11 -15.29
N ARG A 243 9.27 24.59 -16.49
CA ARG A 243 7.89 25.01 -16.72
C ARG A 243 6.93 23.84 -16.60
N SER A 244 7.27 22.71 -17.22
CA SER A 244 6.40 21.55 -17.18
C SER A 244 6.21 21.06 -15.76
N PHE A 245 7.30 20.99 -14.99
CA PHE A 245 7.18 20.51 -13.63
C PHE A 245 6.35 21.46 -12.78
N ALA A 246 6.58 22.76 -12.90
CA ALA A 246 5.89 23.72 -12.04
C ALA A 246 4.39 23.73 -12.30
N TRP A 247 3.98 23.67 -13.58
CA TRP A 247 2.55 23.56 -13.86
C TRP A 247 2.00 22.25 -13.34
N GLY A 248 2.82 21.19 -13.35
CA GLY A 248 2.40 19.93 -12.75
C GLY A 248 2.17 20.04 -11.26
N VAL A 249 3.03 20.78 -10.56
CA VAL A 249 2.81 20.98 -9.11
C VAL A 249 1.50 21.72 -8.87
N LEU A 250 1.26 22.80 -9.61
CA LEU A 250 0.03 23.55 -9.39
C LEU A 250 -1.19 22.73 -9.76
N GLY A 251 -1.13 22.01 -10.89
CA GLY A 251 -2.25 21.17 -11.28
C GLY A 251 -2.52 20.06 -10.29
N HIS A 252 -1.45 19.45 -9.77
CA HIS A 252 -1.57 18.41 -8.76
C HIS A 252 -2.28 18.91 -7.51
N TYR A 253 -1.86 20.08 -7.00
CA TYR A 253 -2.55 20.62 -5.83
C TYR A 253 -4.04 20.85 -6.13
N GLN A 254 -4.35 21.46 -7.28
CA GLN A 254 -5.75 21.73 -7.59
C GLN A 254 -6.54 20.45 -7.76
N SER A 255 -5.92 19.44 -8.38
CA SER A 255 -6.63 18.20 -8.66
C SER A 255 -6.91 17.44 -7.37
N GLN A 256 -5.91 17.34 -6.50
CA GLN A 256 -6.11 16.69 -5.21
C GLN A 256 -7.05 17.48 -4.32
N ASN A 257 -7.21 18.78 -4.56
CA ASN A 257 -8.23 19.57 -3.88
C ASN A 257 -9.57 19.52 -4.58
N LEU A 258 -9.67 18.75 -5.67
CA LEU A 258 -10.89 18.49 -6.43
C LEU A 258 -11.45 19.75 -7.10
N ASN A 259 -10.60 20.73 -7.34
CA ASN A 259 -10.94 21.90 -8.15
C ASN A 259 -10.65 21.53 -9.59
N VAL A 260 -11.56 20.70 -10.14
CA VAL A 260 -11.25 20.00 -11.38
C VAL A 260 -11.04 20.94 -12.56
N PRO A 261 -11.87 21.95 -12.80
CA PRO A 261 -11.60 22.82 -13.95
C PRO A 261 -10.24 23.51 -13.89
N ALA A 262 -9.87 24.06 -12.73
CA ALA A 262 -8.57 24.73 -12.66
C ALA A 262 -7.44 23.72 -12.80
N ALA A 263 -7.59 22.55 -12.19
CA ALA A 263 -6.56 21.52 -12.34
C ALA A 263 -6.30 21.21 -13.81
N LEU A 264 -7.35 21.07 -14.61
CA LEU A 264 -7.16 20.76 -16.02
C LEU A 264 -6.57 21.94 -16.79
N ASP A 265 -6.92 23.17 -16.40
CA ASP A 265 -6.28 24.34 -17.01
C ASP A 265 -4.79 24.32 -16.77
N TYR A 266 -4.38 24.06 -15.53
CA TYR A 266 -2.96 24.09 -15.19
C TYR A 266 -2.21 22.93 -15.82
N TYR A 267 -2.75 21.71 -15.70
CA TYR A 267 -2.11 20.56 -16.33
C TYR A 267 -2.04 20.69 -17.84
N GLY A 268 -3.02 21.40 -18.45
CA GLY A 268 -2.97 21.61 -19.88
C GLY A 268 -1.77 22.42 -20.32
N LYS A 269 -1.18 23.17 -19.40
CA LYS A 269 0.01 23.97 -19.70
C LYS A 269 1.30 23.19 -19.60
N VAL A 270 1.23 21.93 -19.20
CA VAL A 270 2.41 21.07 -19.12
C VAL A 270 2.81 20.64 -20.53
N ALA A 271 3.96 21.13 -21.00
CA ALA A 271 4.35 20.82 -22.37
C ALA A 271 4.99 19.44 -22.48
N ASP A 272 5.75 19.02 -21.47
CA ASP A 272 6.40 17.71 -21.46
C ASP A 272 5.92 16.95 -20.23
N ARG A 273 4.90 16.12 -20.43
CA ARG A 273 4.26 15.41 -19.32
C ARG A 273 5.18 14.40 -18.65
N ARG A 274 6.23 13.93 -19.34
CA ARG A 274 7.13 13.00 -18.68
C ARG A 274 7.97 13.67 -17.61
N GLN A 275 7.98 15.01 -17.56
CA GLN A 275 8.66 15.71 -16.47
C GLN A 275 7.93 15.56 -15.15
N LEU A 276 6.65 15.19 -15.17
CA LEU A 276 5.85 15.08 -13.96
C LEU A 276 6.29 13.92 -13.07
N THR A 277 6.13 14.10 -11.76
CA THR A 277 6.23 12.95 -10.86
C THR A 277 5.09 11.98 -11.16
N ASP A 278 5.25 10.75 -10.65
CA ASP A 278 4.19 9.77 -10.85
C ASP A 278 2.88 10.23 -10.23
N ASP A 279 2.94 10.81 -9.02
CA ASP A 279 1.73 11.32 -8.37
C ASP A 279 1.11 12.44 -9.20
N GLN A 280 1.95 13.34 -9.72
CA GLN A 280 1.42 14.44 -10.54
C GLN A 280 0.70 13.90 -11.77
N ILE A 281 1.30 12.95 -12.48
CA ILE A 281 0.65 12.52 -13.71
C ILE A 281 -0.58 11.66 -13.40
N GLU A 282 -0.57 10.91 -12.29
CA GLU A 282 -1.78 10.19 -11.92
C GLU A 282 -2.90 11.15 -11.52
N TRP A 283 -2.57 12.28 -10.89
CA TRP A 283 -3.62 13.25 -10.55
C TRP A 283 -4.08 14.04 -11.77
N TYR A 284 -3.27 14.14 -12.82
CA TYR A 284 -3.78 14.67 -14.08
C TYR A 284 -4.80 13.71 -14.69
N ALA A 285 -4.45 12.42 -14.74
CA ALA A 285 -5.39 11.41 -15.20
C ALA A 285 -6.67 11.42 -14.36
N ARG A 286 -6.55 11.59 -13.04
CA ARG A 286 -7.74 11.60 -12.20
C ARG A 286 -8.64 12.80 -12.51
N ALA A 287 -8.04 13.98 -12.76
CA ALA A 287 -8.86 15.13 -13.13
C ALA A 287 -9.56 14.89 -14.46
N ALA A 288 -8.84 14.36 -15.44
CA ALA A 288 -9.45 14.07 -16.73
C ALA A 288 -10.57 13.05 -16.58
N LEU A 289 -10.35 12.01 -15.78
CA LEU A 289 -11.37 11.00 -15.54
C LEU A 289 -12.61 11.64 -14.91
N ARG A 290 -12.42 12.46 -13.89
CA ARG A 290 -13.54 13.05 -13.18
C ARG A 290 -14.32 14.01 -14.05
N ALA A 291 -13.67 14.67 -15.00
CA ALA A 291 -14.34 15.55 -15.95
C ALA A 291 -14.92 14.81 -17.15
N ARG A 292 -14.68 13.51 -17.25
CA ARG A 292 -15.15 12.67 -18.36
C ARG A 292 -14.53 13.13 -19.68
N ARG A 293 -13.28 13.58 -19.61
CA ARG A 293 -12.50 13.94 -20.79
C ARG A 293 -11.74 12.69 -21.25
N TRP A 294 -12.43 11.84 -22.01
CA TRP A 294 -11.89 10.52 -22.31
C TRP A 294 -10.68 10.59 -23.25
N ASP A 295 -10.69 11.52 -24.20
CA ASP A 295 -9.54 11.69 -25.09
C ASP A 295 -8.31 12.16 -24.31
N GLU A 296 -8.48 13.20 -23.48
CA GLU A 296 -7.35 13.71 -22.72
C GLU A 296 -6.83 12.67 -21.74
N LEU A 297 -7.73 11.89 -21.14
CA LEU A 297 -7.30 10.82 -20.24
C LEU A 297 -6.43 9.80 -20.98
N ALA A 298 -6.86 9.35 -22.16
CA ALA A 298 -6.03 8.44 -22.94
C ALA A 298 -4.70 9.08 -23.30
N SER A 299 -4.70 10.36 -23.67
CA SER A 299 -3.44 11.03 -23.99
C SER A 299 -2.49 11.06 -22.79
N VAL A 300 -3.01 11.39 -21.62
CA VAL A 300 -2.17 11.45 -20.42
C VAL A 300 -1.61 10.08 -20.08
N ILE A 301 -2.46 9.04 -20.12
CA ILE A 301 -1.99 7.70 -19.81
C ILE A 301 -0.83 7.32 -20.72
N SER A 302 -0.87 7.74 -21.99
CA SER A 302 0.19 7.38 -22.93
C SER A 302 1.53 8.01 -22.59
N HIS A 303 1.56 9.04 -21.73
CA HIS A 303 2.80 9.67 -21.31
C HIS A 303 3.31 9.16 -19.97
N MSE A 304 2.58 8.27 -19.32
CA MSE A 304 3.01 7.67 -18.06
C MSE A 304 4.17 6.69 -18.28
O MSE A 304 4.30 6.11 -19.36
CB MSE A 304 1.87 6.93 -17.39
CG MSE A 304 0.69 7.79 -17.01
SE MSE A 304 -0.62 6.65 -16.15
CE MSE A 304 -1.89 8.05 -15.63
N PRO A 305 4.96 6.46 -17.23
CA PRO A 305 5.92 5.35 -17.28
C PRO A 305 5.19 4.05 -17.57
N GLU A 306 5.89 3.14 -18.26
CA GLU A 306 5.31 1.85 -18.62
C GLU A 306 4.73 1.14 -17.39
N LYS A 307 5.44 1.21 -16.26
CA LYS A 307 4.96 0.58 -15.03
C LYS A 307 3.59 1.09 -14.63
N LEU A 308 3.36 2.39 -14.79
CA LEU A 308 2.06 2.95 -14.42
C LEU A 308 1.00 2.58 -15.45
N GLN A 309 1.36 2.59 -16.74
CA GLN A 309 0.40 2.24 -17.79
C GLN A 309 -0.13 0.83 -17.61
N LYS A 310 0.73 -0.09 -17.15
CA LYS A 310 0.35 -1.48 -17.01
C LYS A 310 -0.29 -1.78 -15.65
N SER A 311 -0.54 -0.75 -14.84
CA SER A 311 -1.24 -0.99 -13.58
C SER A 311 -2.71 -1.31 -13.86
N PRO A 312 -3.35 -2.09 -12.98
CA PRO A 312 -4.78 -2.35 -13.15
C PRO A 312 -5.60 -1.07 -13.33
N THR A 313 -5.26 -0.03 -12.57
CA THR A 313 -6.01 1.22 -12.63
C THR A 313 -6.03 1.79 -14.03
N TRP A 314 -4.85 1.96 -14.63
CA TRP A 314 -4.80 2.66 -15.91
C TRP A 314 -5.03 1.75 -17.11
N LEU A 315 -4.86 0.42 -16.95
CA LEU A 315 -5.39 -0.49 -17.97
C LEU A 315 -6.90 -0.38 -18.06
N TYR A 316 -7.57 -0.41 -16.90
CA TYR A 316 -9.02 -0.36 -16.90
C TYR A 316 -9.54 0.98 -17.41
N TRP A 317 -8.97 2.09 -16.93
CA TRP A 317 -9.54 3.36 -17.36
C TRP A 317 -9.16 3.70 -18.79
N LEU A 318 -8.00 3.24 -19.27
CA LEU A 318 -7.74 3.40 -20.70
C LEU A 318 -8.73 2.59 -21.51
N ALA A 319 -9.06 1.38 -21.05
CA ALA A 319 -10.07 0.59 -21.75
C ALA A 319 -11.40 1.32 -21.78
N ARG A 320 -11.79 1.93 -20.65
CA ARG A 320 -13.03 2.70 -20.61
C ARG A 320 -12.98 3.89 -21.57
N SER A 321 -11.80 4.52 -21.68
CA SER A 321 -11.64 5.61 -22.64
C SER A 321 -11.81 5.10 -24.08
N ARG A 322 -11.17 3.98 -24.41
CA ARG A 322 -11.31 3.44 -25.76
C ARG A 322 -12.76 3.09 -26.07
N ALA A 323 -13.46 2.50 -25.10
CA ALA A 323 -14.88 2.22 -25.29
C ALA A 323 -15.65 3.49 -25.58
N ALA A 324 -15.39 4.55 -24.79
CA ALA A 324 -16.14 5.78 -24.94
C ALA A 324 -15.84 6.50 -26.25
N THR A 325 -14.70 6.23 -26.87
CA THR A 325 -14.37 6.85 -28.16
C THR A 325 -14.62 5.91 -29.33
N GLY A 326 -15.26 4.77 -29.10
CA GLY A 326 -15.61 3.89 -30.18
C GLY A 326 -14.48 3.04 -30.69
N ASN A 327 -13.41 2.92 -29.92
CA ASN A 327 -12.30 2.03 -30.23
C ASN A 327 -12.52 0.70 -29.50
N THR A 328 -13.50 -0.03 -29.99
CA THR A 328 -14.12 -1.10 -29.22
C THR A 328 -13.20 -2.31 -29.09
N GLN A 329 -12.53 -2.70 -30.18
CA GLN A 329 -11.65 -3.87 -30.09
C GLN A 329 -10.47 -3.60 -29.18
N GLU A 330 -9.91 -2.39 -29.24
CA GLU A 330 -8.80 -2.06 -28.35
C GLU A 330 -9.27 -2.01 -26.91
N ALA A 331 -10.50 -1.54 -26.66
CA ALA A 331 -11.04 -1.59 -25.31
C ALA A 331 -11.08 -3.03 -24.79
N GLU A 332 -11.58 -3.95 -25.61
CA GLU A 332 -11.66 -5.35 -25.19
C GLU A 332 -10.27 -5.90 -24.86
N LYS A 333 -9.27 -5.56 -25.66
CA LYS A 333 -7.90 -6.03 -25.41
C LYS A 333 -7.39 -5.52 -24.06
N LEU A 334 -7.61 -4.24 -23.78
CA LEU A 334 -7.16 -3.67 -22.53
C LEU A 334 -7.93 -4.26 -21.34
N TYR A 335 -9.25 -4.48 -21.50
CA TYR A 335 -9.99 -5.11 -20.42
C TYR A 335 -9.44 -6.50 -20.10
N LYS A 336 -9.08 -7.25 -21.14
CA LYS A 336 -8.49 -8.57 -20.90
C LYS A 336 -7.19 -8.46 -20.13
N GLN A 337 -6.35 -7.48 -20.46
CA GLN A 337 -5.10 -7.27 -19.73
C GLN A 337 -5.37 -6.88 -18.29
N ALA A 338 -6.34 -5.99 -18.05
CA ALA A 338 -6.66 -5.61 -16.68
C ALA A 338 -7.22 -6.79 -15.90
N ALA A 339 -8.08 -7.57 -16.53
CA ALA A 339 -8.66 -8.72 -15.85
C ALA A 339 -7.59 -9.75 -15.50
N ALA A 340 -6.51 -9.80 -16.28
CA ALA A 340 -5.45 -10.76 -16.01
C ALA A 340 -4.56 -10.37 -14.84
N THR A 341 -4.76 -9.18 -14.24
CA THR A 341 -3.86 -8.72 -13.19
C THR A 341 -4.18 -9.32 -11.83
N GLY A 342 -5.27 -10.07 -11.70
CA GLY A 342 -5.55 -10.73 -10.45
C GLY A 342 -6.97 -10.60 -9.96
N ARG A 343 -7.13 -10.49 -8.65
CA ARG A 343 -8.44 -10.47 -8.03
C ARG A 343 -8.90 -9.06 -7.66
N ASN A 344 -8.11 -8.05 -7.96
CA ASN A 344 -8.29 -6.70 -7.44
C ASN A 344 -9.51 -6.01 -8.07
N PHE A 345 -9.89 -4.89 -7.46
CA PHE A 345 -10.99 -4.02 -7.89
C PHE A 345 -11.09 -3.84 -9.40
N TYR A 346 -10.00 -3.37 -10.04
CA TYR A 346 -10.09 -3.09 -11.46
C TYR A 346 -10.09 -4.35 -12.32
N ALA A 347 -9.44 -5.42 -11.86
CA ALA A 347 -9.54 -6.69 -12.57
C ALA A 347 -10.99 -7.17 -12.59
N VAL A 348 -11.72 -6.94 -11.50
CA VAL A 348 -13.11 -7.35 -11.45
C VAL A 348 -13.96 -6.48 -12.35
N LEU A 349 -13.79 -5.15 -12.26
CA LEU A 349 -14.56 -4.28 -13.13
C LEU A 349 -14.26 -4.56 -14.59
N ALA A 350 -13.01 -4.83 -14.92
CA ALA A 350 -12.66 -5.14 -16.31
C ALA A 350 -13.32 -6.43 -16.76
N GLY A 351 -13.29 -7.45 -15.91
CA GLY A 351 -14.02 -8.68 -16.22
C GLY A 351 -15.48 -8.43 -16.50
N GLU A 352 -16.13 -7.57 -15.73
CA GLU A 352 -17.55 -7.30 -15.95
C GLU A 352 -17.78 -6.64 -17.31
N GLU A 353 -16.85 -5.80 -17.78
CA GLU A 353 -17.06 -5.24 -19.11
C GLU A 353 -16.95 -6.30 -20.20
N LEU A 354 -16.27 -7.40 -19.92
CA LEU A 354 -16.16 -8.55 -20.82
C LEU A 354 -17.28 -9.56 -20.63
N GLY A 355 -18.24 -9.27 -19.76
CA GLY A 355 -19.30 -10.22 -19.47
C GLY A 355 -18.94 -11.32 -18.51
N ARG A 356 -17.87 -11.15 -17.72
CA ARG A 356 -17.41 -12.16 -16.77
C ARG A 356 -17.73 -11.71 -15.36
N LYS A 357 -18.43 -12.54 -14.61
CA LYS A 357 -18.71 -12.21 -13.22
C LYS A 357 -17.77 -12.96 -12.30
N ILE A 358 -17.61 -12.42 -11.09
CA ILE A 358 -16.84 -13.10 -10.06
C ILE A 358 -17.36 -14.53 -9.89
N ASP A 359 -16.42 -15.46 -9.73
CA ASP A 359 -16.73 -16.86 -9.50
C ASP A 359 -15.79 -17.32 -8.39
N THR A 360 -16.34 -17.62 -7.22
CA THR A 360 -15.49 -17.94 -6.08
C THR A 360 -15.28 -19.43 -5.86
N ARG A 361 -15.60 -20.28 -6.84
CA ARG A 361 -15.21 -21.67 -6.66
C ARG A 361 -13.69 -21.79 -6.74
N ASN A 362 -13.14 -22.70 -5.94
CA ASN A 362 -11.71 -22.91 -5.99
C ASN A 362 -11.35 -23.67 -7.26
N ASN A 363 -10.17 -23.36 -7.82
CA ASN A 363 -9.70 -24.10 -8.97
C ASN A 363 -8.59 -25.08 -8.58
N VAL A 364 -8.46 -25.33 -7.27
CA VAL A 364 -7.50 -26.28 -6.73
C VAL A 364 -8.18 -27.09 -5.65
N PRO A 365 -7.70 -28.29 -5.40
CA PRO A 365 -8.23 -29.08 -4.28
C PRO A 365 -7.74 -28.53 -2.95
N ASP A 366 -8.35 -29.03 -1.87
CA ASP A 366 -7.85 -28.77 -0.53
C ASP A 366 -6.46 -29.37 -0.38
N ALA A 367 -5.60 -28.71 0.41
CA ALA A 367 -4.33 -29.33 0.73
C ALA A 367 -4.56 -30.62 1.54
N GLY A 368 -3.76 -31.64 1.27
CA GLY A 368 -3.86 -32.87 2.04
C GLY A 368 -3.49 -32.63 3.49
N LYS A 369 -4.17 -33.36 4.39
CA LYS A 369 -3.99 -33.08 5.80
C LYS A 369 -2.61 -33.51 6.29
N ASN A 370 -2.00 -34.53 5.68
CA ASN A 370 -0.64 -34.85 6.11
C ASN A 370 0.33 -33.73 5.75
N SER A 371 0.16 -33.12 4.57
CA SER A 371 1.02 -32.01 4.22
C SER A 371 0.78 -30.81 5.12
N VAL A 372 -0.48 -30.56 5.51
CA VAL A 372 -0.78 -29.48 6.43
C VAL A 372 -0.10 -29.72 7.77
N ARG A 373 -0.08 -30.98 8.23
CA ARG A 373 0.62 -31.31 9.46
C ARG A 373 2.14 -31.16 9.30
N ARG A 374 2.70 -31.71 8.22
CA ARG A 374 4.15 -31.66 8.05
C ARG A 374 4.65 -30.23 7.85
N MSE A 375 3.85 -29.38 7.23
CA MSE A 375 4.23 -27.99 7.05
C MSE A 375 4.54 -27.30 8.38
O MSE A 375 5.49 -26.53 8.49
CB MSE A 375 3.12 -27.23 6.30
CG MSE A 375 3.41 -25.74 6.09
SE MSE A 375 5.00 -25.37 4.98
CE MSE A 375 4.22 -25.71 3.23
N ALA A 376 3.73 -27.62 9.40
CA ALA A 376 3.95 -27.06 10.73
C ALA A 376 5.22 -27.56 11.40
N GLU A 377 5.79 -28.67 10.90
CA GLU A 377 7.04 -29.20 11.42
C GLU A 377 8.27 -28.51 10.83
N ASP A 378 8.12 -27.81 9.72
CA ASP A 378 9.24 -27.05 9.19
C ASP A 378 9.73 -26.05 10.23
N GLY A 379 11.05 -25.90 10.33
CA GLY A 379 11.61 -25.11 11.42
C GLY A 379 11.18 -23.66 11.40
N ALA A 380 11.08 -23.06 10.22
CA ALA A 380 10.72 -21.65 10.15
C ALA A 380 9.23 -21.45 10.37
N VAL A 381 8.40 -22.34 9.83
CA VAL A 381 6.97 -22.28 10.10
C VAL A 381 6.69 -22.55 11.57
N LYS A 382 7.36 -23.56 12.15
CA LYS A 382 7.19 -23.86 13.56
C LYS A 382 7.53 -22.65 14.43
N ARG A 383 8.64 -21.99 14.12
CA ARG A 383 9.03 -20.82 14.90
C ARG A 383 7.94 -19.76 14.89
N ALA A 384 7.35 -19.48 13.71
CA ALA A 384 6.27 -18.52 13.65
C ALA A 384 5.07 -18.96 14.46
N LEU A 385 4.71 -20.25 14.38
CA LEU A 385 3.58 -20.74 15.16
C LEU A 385 3.85 -20.71 16.66
N VAL A 386 5.10 -20.95 17.07
CA VAL A 386 5.44 -20.86 18.49
C VAL A 386 5.23 -19.44 18.99
N LEU A 387 5.75 -18.45 18.25
CA LEU A 387 5.55 -17.08 18.69
C LEU A 387 4.08 -16.70 18.63
N PHE A 388 3.33 -17.21 17.65
CA PHE A 388 1.92 -16.86 17.59
C PHE A 388 1.16 -17.42 18.79
N GLN A 389 1.33 -18.71 19.06
CA GLN A 389 0.58 -19.32 20.15
C GLN A 389 0.95 -18.73 21.49
N ASN A 390 2.24 -18.47 21.72
CA ASN A 390 2.63 -17.87 22.98
C ASN A 390 2.16 -16.42 23.07
N SER A 391 2.04 -15.72 21.93
CA SER A 391 1.47 -14.37 22.00
C SER A 391 0.00 -14.42 22.42
N GLN A 392 -0.73 -15.46 22.02
CA GLN A 392 -2.12 -15.60 22.46
C GLN A 392 -2.19 -15.90 23.95
N SER A 393 -1.44 -16.90 24.41
CA SER A 393 -1.55 -17.33 25.79
C SER A 393 -1.02 -16.28 26.76
N ALA A 394 -0.02 -15.51 26.35
CA ALA A 394 0.59 -14.51 27.22
C ALA A 394 0.05 -13.11 26.98
N GLY A 395 -0.84 -12.92 26.01
CA GLY A 395 -1.37 -11.61 25.69
C GLY A 395 -0.29 -10.61 25.30
N ASP A 396 0.56 -10.99 24.36
CA ASP A 396 1.74 -10.20 24.01
C ASP A 396 1.60 -9.74 22.56
N ALA A 397 1.13 -8.51 22.36
CA ALA A 397 0.88 -8.04 21.00
C ALA A 397 2.18 -7.83 20.23
N LYS A 398 3.28 -7.47 20.90
CA LYS A 398 4.53 -7.30 20.17
C LYS A 398 5.07 -8.64 19.69
N MSE A 399 4.93 -9.68 20.51
CA MSE A 399 5.32 -11.02 20.11
C MSE A 399 4.48 -11.46 18.90
O MSE A 399 5.00 -12.11 17.99
CB MSE A 399 5.15 -12.01 21.25
CG MSE A 399 5.74 -13.37 20.93
SE MSE A 399 5.35 -14.67 22.31
CE MSE A 399 6.62 -14.05 23.65
N ARG A 400 3.20 -11.10 18.88
CA ARG A 400 2.35 -11.47 17.76
C ARG A 400 2.84 -10.82 16.47
N ARG A 401 3.26 -9.57 16.55
CA ARG A 401 3.78 -8.91 15.36
C ARG A 401 5.05 -9.60 14.87
N GLN A 402 5.92 -10.04 15.78
CA GLN A 402 7.09 -10.78 15.32
C GLN A 402 6.71 -12.14 14.78
N ALA A 403 5.64 -12.76 15.30
CA ALA A 403 5.16 -14.01 14.71
C ALA A 403 4.75 -13.79 13.25
N GLN A 404 4.09 -12.67 12.96
CA GLN A 404 3.78 -12.31 11.57
C GLN A 404 5.06 -12.24 10.74
N ALA A 405 6.08 -11.56 11.28
CA ALA A 405 7.34 -11.43 10.56
C ALA A 405 7.97 -12.79 10.32
N GLU A 406 7.91 -13.68 11.30
CA GLU A 406 8.44 -15.02 11.10
C GLU A 406 7.66 -15.76 10.03
N TRP A 407 6.34 -15.56 9.99
CA TRP A 407 5.53 -16.23 8.97
C TRP A 407 5.90 -15.74 7.57
N ARG A 408 6.00 -14.43 7.38
CA ARG A 408 6.39 -13.90 6.07
C ARG A 408 7.78 -14.39 5.68
N PHE A 409 8.70 -14.41 6.63
CA PHE A 409 10.04 -14.95 6.37
C PHE A 409 9.97 -16.43 6.00
N ALA A 410 9.20 -17.22 6.75
CA ALA A 410 9.16 -18.65 6.54
C ALA A 410 8.58 -19.01 5.18
N THR A 411 7.59 -18.24 4.73
CA THR A 411 6.87 -18.56 3.50
C THR A 411 7.41 -17.82 2.29
N ARG A 412 8.53 -17.11 2.42
CA ARG A 412 8.93 -16.13 1.42
C ARG A 412 9.17 -16.76 0.04
N GLY A 413 9.85 -17.89 -0.01
CA GLY A 413 10.12 -18.42 -1.34
C GLY A 413 9.10 -19.39 -1.90
N PHE A 414 7.95 -19.53 -1.26
CA PHE A 414 7.09 -20.68 -1.49
C PHE A 414 6.44 -20.63 -2.87
N ASP A 415 6.39 -21.79 -3.54
CA ASP A 415 5.56 -21.92 -4.72
C ASP A 415 4.09 -21.94 -4.30
N GLU A 416 3.19 -22.01 -5.28
CA GLU A 416 1.78 -21.82 -4.97
C GLU A 416 1.22 -22.97 -4.15
N ASP A 417 1.65 -24.21 -4.42
CA ASP A 417 1.18 -25.34 -3.63
C ASP A 417 1.58 -25.20 -2.16
N LYS A 418 2.82 -24.77 -1.91
CA LYS A 418 3.25 -24.58 -0.53
C LYS A 418 2.51 -23.42 0.14
N LEU A 419 2.28 -22.34 -0.59
CA LEU A 419 1.48 -21.23 -0.05
C LEU A 419 0.10 -21.69 0.39
N LEU A 420 -0.57 -22.51 -0.44
CA LEU A 420 -1.92 -22.96 -0.13
C LEU A 420 -1.91 -23.96 1.03
N THR A 421 -0.88 -24.80 1.10
CA THR A 421 -0.72 -25.69 2.24
C THR A 421 -0.49 -24.87 3.52
N ALA A 422 0.43 -23.91 3.45
CA ALA A 422 0.72 -23.12 4.64
C ALA A 422 -0.46 -22.24 5.03
N ALA A 423 -1.26 -21.79 4.05
CA ALA A 423 -2.45 -21.01 4.39
C ALA A 423 -3.39 -21.83 5.27
N GLN A 424 -3.57 -23.11 4.94
CA GLN A 424 -4.43 -23.95 5.77
C GLN A 424 -3.83 -24.20 7.15
N THR A 425 -2.51 -24.42 7.21
CA THR A 425 -1.83 -24.54 8.50
C THR A 425 -2.11 -23.32 9.38
N ALA A 426 -1.92 -22.13 8.81
CA ALA A 426 -2.20 -20.91 9.56
C ALA A 426 -3.66 -20.86 10.02
N PHE A 427 -4.58 -21.15 9.11
CA PHE A 427 -6.00 -21.07 9.47
C PHE A 427 -6.33 -22.02 10.62
N ASP A 428 -5.83 -23.26 10.54
CA ASP A 428 -6.12 -24.25 11.59
C ASP A 428 -5.62 -23.80 12.95
N HIS A 429 -4.49 -23.10 12.99
CA HIS A 429 -3.94 -22.61 14.25
C HIS A 429 -4.56 -21.29 14.69
N GLY A 430 -5.52 -20.75 13.92
CA GLY A 430 -6.17 -19.50 14.26
C GLY A 430 -5.37 -18.27 13.91
N PHE A 431 -4.34 -18.43 13.09
CA PHE A 431 -3.45 -17.34 12.67
C PHE A 431 -4.05 -16.73 11.41
N TYR A 432 -5.21 -16.09 11.61
CA TYR A 432 -6.13 -15.84 10.50
C TYR A 432 -5.53 -14.91 9.46
N ASP A 433 -4.82 -13.85 9.90
CA ASP A 433 -4.26 -12.91 8.94
C ASP A 433 -3.20 -13.57 8.07
N MSE A 434 -2.47 -14.54 8.63
CA MSE A 434 -1.44 -15.19 7.84
C MSE A 434 -2.03 -16.24 6.89
O MSE A 434 -1.42 -16.52 5.86
CB MSE A 434 -0.37 -15.81 8.75
CG MSE A 434 0.45 -14.75 9.49
SE MSE A 434 1.35 -13.45 8.34
CE MSE A 434 0.10 -11.96 8.48
N ALA A 435 -3.21 -16.78 7.23
CA ALA A 435 -3.91 -17.64 6.27
C ALA A 435 -4.24 -16.84 5.01
N VAL A 436 -4.79 -15.64 5.20
CA VAL A 436 -5.09 -14.76 4.07
C VAL A 436 -3.81 -14.37 3.35
N ASN A 437 -2.77 -14.00 4.11
CA ASN A 437 -1.51 -13.55 3.54
C ASN A 437 -0.95 -14.58 2.57
N SER A 438 -0.93 -15.84 2.99
CA SER A 438 -0.35 -16.87 2.15
C SER A 438 -1.25 -17.17 0.96
N ALA A 439 -2.56 -17.27 1.19
CA ALA A 439 -3.45 -17.62 0.10
C ALA A 439 -3.52 -16.53 -0.97
N GLU A 440 -3.44 -15.27 -0.58
CA GLU A 440 -3.56 -14.19 -1.55
C GLU A 440 -2.29 -14.03 -2.39
N ARG A 441 -1.19 -14.69 -2.01
CA ARG A 441 0.07 -14.51 -2.72
C ARG A 441 0.20 -15.41 -3.93
N THR A 442 -0.76 -16.29 -4.18
CA THR A 442 -0.70 -17.08 -5.40
C THR A 442 -1.13 -16.23 -6.59
N ASP A 443 -0.83 -16.73 -7.79
CA ASP A 443 -1.26 -16.06 -9.00
C ASP A 443 -2.27 -16.86 -9.81
N ARG A 444 -2.06 -18.16 -9.96
CA ARG A 444 -2.92 -19.00 -10.78
C ARG A 444 -3.82 -19.89 -9.95
N LYS A 445 -3.32 -20.42 -8.84
CA LYS A 445 -4.06 -21.40 -8.04
C LYS A 445 -4.85 -20.65 -6.97
N LEU A 446 -6.17 -20.77 -7.03
CA LEU A 446 -7.06 -19.89 -6.29
C LEU A 446 -7.88 -20.68 -5.28
N ASN A 447 -7.68 -20.41 -4.00
CA ASN A 447 -8.53 -20.92 -2.95
C ASN A 447 -9.22 -19.72 -2.34
N TYR A 448 -10.48 -19.50 -2.72
CA TYR A 448 -11.18 -18.31 -2.24
C TYR A 448 -11.60 -18.44 -0.80
N THR A 449 -11.76 -19.67 -0.30
CA THR A 449 -12.11 -19.89 1.10
CA THR A 449 -12.14 -19.80 1.10
C THR A 449 -11.00 -19.44 2.04
N LEU A 450 -9.75 -19.53 1.59
CA LEU A 450 -8.63 -19.07 2.40
C LEU A 450 -8.25 -17.63 2.11
N ARG A 451 -8.47 -17.14 0.87
CA ARG A 451 -8.30 -15.72 0.58
C ARG A 451 -9.32 -14.88 1.34
N TYR A 452 -10.57 -15.34 1.40
CA TYR A 452 -11.69 -14.58 1.95
C TYR A 452 -12.30 -15.40 3.09
N ILE A 453 -11.51 -15.58 4.15
CA ILE A 453 -12.00 -16.30 5.32
C ILE A 453 -13.15 -15.52 5.95
N SER A 454 -14.03 -16.24 6.65
CA SER A 454 -15.16 -15.61 7.32
C SER A 454 -15.41 -16.21 8.69
N PRO A 455 -14.43 -16.13 9.58
CA PRO A 455 -14.69 -16.50 10.98
C PRO A 455 -15.65 -15.51 11.64
N PHE A 456 -16.17 -15.92 12.81
CA PHE A 456 -16.96 -15.08 13.70
C PHE A 456 -18.36 -14.79 13.17
N LYS A 457 -18.92 -15.64 12.29
CA LYS A 457 -20.25 -15.33 11.75
C LYS A 457 -21.33 -15.31 12.83
N ASP A 458 -21.14 -16.07 13.92
CA ASP A 458 -22.17 -16.04 14.96
C ASP A 458 -22.25 -14.70 15.68
N THR A 459 -21.34 -13.78 15.38
CA THR A 459 -21.35 -12.43 15.92
C THR A 459 -21.49 -11.38 14.83
N VAL A 460 -20.75 -11.50 13.72
CA VAL A 460 -20.78 -10.46 12.71
C VAL A 460 -22.13 -10.42 11.99
N ILE A 461 -22.67 -11.58 11.63
CA ILE A 461 -23.89 -11.60 10.83
C ILE A 461 -25.03 -10.93 11.57
N ARG A 462 -25.23 -11.28 12.85
CA ARG A 462 -26.38 -10.70 13.53
C ARG A 462 -26.19 -9.20 13.78
N HIS A 463 -24.98 -8.75 14.10
CA HIS A 463 -24.79 -7.32 14.30
C HIS A 463 -25.04 -6.57 12.99
N ALA A 464 -24.61 -7.14 11.86
CA ALA A 464 -24.88 -6.51 10.57
C ALA A 464 -26.38 -6.45 10.28
N GLN A 465 -27.08 -7.56 10.49
CA GLN A 465 -28.53 -7.61 10.29
C GLN A 465 -29.24 -6.59 11.17
N ASN A 466 -28.78 -6.40 12.40
CA ASN A 466 -29.50 -5.56 13.34
C ASN A 466 -29.50 -4.09 12.94
N VAL A 467 -28.55 -3.66 12.12
CA VAL A 467 -28.55 -2.29 11.59
C VAL A 467 -28.78 -2.28 10.08
N ASN A 468 -29.25 -3.39 9.52
CA ASN A 468 -29.67 -3.44 8.12
CA ASN A 468 -29.68 -3.41 8.13
C ASN A 468 -28.52 -3.10 7.18
N VAL A 469 -27.34 -3.66 7.45
CA VAL A 469 -26.22 -3.45 6.54
C VAL A 469 -25.80 -4.79 5.96
N ASP A 470 -25.34 -4.73 4.72
CA ASP A 470 -24.96 -5.90 3.94
C ASP A 470 -23.83 -6.67 4.64
N PRO A 471 -24.05 -7.91 5.04
CA PRO A 471 -22.99 -8.66 5.73
C PRO A 471 -21.74 -8.87 4.89
N ALA A 472 -21.88 -9.00 3.56
CA ALA A 472 -20.69 -9.11 2.72
C ALA A 472 -19.87 -7.83 2.76
N TRP A 473 -20.55 -6.69 2.86
CA TRP A 473 -19.83 -5.42 3.00
C TRP A 473 -19.10 -5.34 4.34
N VAL A 474 -19.75 -5.81 5.42
CA VAL A 474 -19.08 -5.82 6.73
C VAL A 474 -17.86 -6.73 6.70
N TYR A 475 -18.00 -7.94 6.15
CA TYR A 475 -16.85 -8.83 6.07
C TYR A 475 -15.76 -8.23 5.19
N GLY A 476 -16.14 -7.56 4.11
CA GLY A 476 -15.15 -6.93 3.26
C GLY A 476 -14.39 -5.84 4.00
N LEU A 477 -15.09 -5.08 4.84
CA LEU A 477 -14.45 -4.03 5.63
C LEU A 477 -13.52 -4.64 6.68
N ILE A 478 -13.97 -5.67 7.41
CA ILE A 478 -13.10 -6.31 8.40
C ILE A 478 -11.83 -6.86 7.75
N ARG A 479 -11.98 -7.52 6.60
CA ARG A 479 -10.81 -8.10 5.96
C ARG A 479 -9.72 -7.05 5.73
N GLN A 480 -10.12 -5.87 5.24
CA GLN A 480 -9.18 -4.79 4.99
C GLN A 480 -8.69 -4.13 6.27
N GLU A 481 -9.57 -3.97 7.26
CA GLU A 481 -9.19 -3.25 8.48
C GLU A 481 -8.20 -4.03 9.33
N SER A 482 -8.49 -5.30 9.58
CA SER A 482 -7.74 -6.08 10.55
C SER A 482 -7.26 -7.42 10.05
N ARG A 483 -7.70 -7.87 8.87
CA ARG A 483 -7.40 -9.24 8.42
C ARG A 483 -7.80 -10.25 9.48
N PHE A 484 -8.85 -9.93 10.25
CA PHE A 484 -9.49 -10.82 11.22
C PHE A 484 -8.64 -11.06 12.47
N VAL A 485 -7.79 -10.09 12.79
CA VAL A 485 -6.99 -10.12 14.01
C VAL A 485 -7.79 -9.45 15.12
N ILE A 486 -8.21 -10.24 16.12
CA ILE A 486 -9.07 -9.74 17.19
C ILE A 486 -8.39 -8.62 17.97
N GLY A 487 -7.08 -8.72 18.17
CA GLY A 487 -6.48 -7.70 19.01
C GLY A 487 -5.90 -6.48 18.31
N ALA A 488 -6.18 -6.30 17.02
CA ALA A 488 -5.39 -5.39 16.19
C ALA A 488 -5.40 -3.97 16.73
N GLN A 489 -4.24 -3.31 16.70
CA GLN A 489 -4.12 -1.93 17.13
C GLN A 489 -3.21 -1.18 16.16
N SER A 490 -3.73 -0.16 15.50
CA SER A 490 -2.91 0.59 14.57
C SER A 490 -1.99 1.53 15.33
N ARG A 491 -1.10 2.19 14.61
CA ARG A 491 -0.15 3.09 15.24
C ARG A 491 -0.85 4.28 15.89
N VAL A 492 -1.95 4.74 15.29
CA VAL A 492 -2.71 5.86 15.83
C VAL A 492 -3.78 5.43 16.83
N GLY A 493 -3.89 4.14 17.13
CA GLY A 493 -4.76 3.66 18.19
C GLY A 493 -6.07 3.06 17.76
N ALA A 494 -6.33 2.94 16.46
CA ALA A 494 -7.51 2.22 16.00
C ALA A 494 -7.47 0.78 16.53
N GLN A 495 -8.63 0.29 16.99
CA GLN A 495 -8.67 -0.90 17.82
C GLN A 495 -9.57 -1.98 17.25
N GLY A 496 -9.07 -3.22 17.25
CA GLY A 496 -9.93 -4.37 17.12
C GLY A 496 -10.22 -4.75 15.69
N LEU A 497 -11.12 -5.73 15.54
CA LEU A 497 -11.48 -6.27 14.24
C LEU A 497 -11.91 -5.19 13.25
N MSE A 498 -12.60 -4.17 13.74
CA MSE A 498 -13.14 -3.16 12.86
C MSE A 498 -12.42 -1.81 12.96
O MSE A 498 -12.82 -0.82 12.35
CB MSE A 498 -14.64 -3.01 13.13
CG MSE A 498 -15.35 -4.34 12.90
SE MSE A 498 -17.27 -4.23 12.67
CE MSE A 498 -17.35 -3.19 11.01
N GLN A 499 -11.31 -1.81 13.72
CA GLN A 499 -10.37 -0.67 13.76
C GLN A 499 -11.10 0.64 14.07
N VAL A 500 -11.87 0.62 15.14
CA VAL A 500 -12.57 1.80 15.62
C VAL A 500 -11.62 2.62 16.48
N MSE A 501 -11.59 3.93 16.24
N MSE A 501 -11.60 3.94 16.26
CA MSE A 501 -10.78 4.85 17.04
CA MSE A 501 -10.74 4.81 17.06
C MSE A 501 -11.39 5.06 18.42
C MSE A 501 -11.37 5.13 18.40
O MSE A 501 -12.61 5.09 18.56
O MSE A 501 -12.59 5.29 18.48
CB MSE A 501 -10.64 6.20 16.34
CB MSE A 501 -10.46 6.11 16.31
CG MSE A 501 -9.90 6.12 15.01
CG MSE A 501 -9.78 5.89 14.99
SE MSE A 501 -8.00 5.82 15.27
SE MSE A 501 -9.00 7.54 14.35
CE MSE A 501 -7.59 7.38 16.36
CE MSE A 501 -7.46 7.67 15.53
N PRO A 502 -10.55 5.21 19.45
CA PRO A 502 -11.09 5.50 20.79
C PRO A 502 -12.01 6.72 20.84
N ALA A 503 -11.68 7.81 20.15
CA ALA A 503 -12.56 8.98 20.17
C ALA A 503 -13.90 8.69 19.51
N THR A 504 -13.90 7.84 18.49
CA THR A 504 -15.14 7.46 17.83
C THR A 504 -15.93 6.47 18.68
N ALA A 505 -15.21 5.55 19.33
CA ALA A 505 -15.87 4.62 20.24
C ALA A 505 -16.55 5.36 21.37
N ARG A 506 -15.90 6.41 21.90
CA ARG A 506 -16.52 7.21 22.95
C ARG A 506 -17.84 7.79 22.47
N GLU A 507 -17.86 8.34 21.25
CA GLU A 507 -19.10 8.94 20.76
C GLU A 507 -20.16 7.87 20.52
N ILE A 508 -19.78 6.73 19.92
CA ILE A 508 -20.73 5.66 19.68
C ILE A 508 -21.32 5.19 21.01
N ALA A 509 -20.44 4.93 21.99
CA ALA A 509 -20.90 4.42 23.28
C ALA A 509 -21.94 5.33 23.91
N GLY A 510 -21.74 6.65 23.79
CA GLY A 510 -22.70 7.60 24.35
C GLY A 510 -24.03 7.62 23.64
N LYS A 511 -24.08 7.15 22.40
CA LYS A 511 -25.33 7.14 21.64
C LYS A 511 -26.12 5.85 21.78
N ILE A 512 -25.44 4.70 21.97
CA ILE A 512 -26.16 3.43 21.95
C ILE A 512 -25.99 2.67 23.25
N GLY A 513 -25.81 3.39 24.34
CA GLY A 513 -25.92 2.77 25.66
C GLY A 513 -24.82 1.78 26.01
N MSE A 514 -23.59 2.05 25.61
CA MSE A 514 -22.49 1.15 25.90
C MSE A 514 -21.45 1.85 26.74
O MSE A 514 -21.45 3.07 26.86
CB MSE A 514 -21.85 0.65 24.60
CG MSE A 514 -22.79 -0.15 23.72
SE MSE A 514 -21.96 -0.49 21.98
CE MSE A 514 -20.69 -1.85 22.55
N ASP A 515 -20.53 1.06 27.30
CA ASP A 515 -19.33 1.62 27.89
C ASP A 515 -18.22 1.61 26.83
N ALA A 516 -17.45 2.70 26.78
CA ALA A 516 -16.47 2.86 25.72
C ALA A 516 -15.40 1.77 25.73
N ALA A 517 -15.17 1.16 26.89
CA ALA A 517 -14.18 0.10 26.98
C ALA A 517 -14.61 -1.18 26.28
N GLN A 518 -15.89 -1.32 25.91
CA GLN A 518 -16.33 -2.46 25.12
C GLN A 518 -15.70 -2.47 23.74
N LEU A 519 -15.08 -1.36 23.35
CA LEU A 519 -14.25 -1.30 22.15
C LEU A 519 -13.24 -2.44 22.12
N TYR A 520 -12.76 -2.86 23.29
CA TYR A 520 -11.66 -3.82 23.36
C TYR A 520 -12.12 -5.27 23.46
N THR A 521 -13.42 -5.52 23.34
CA THR A 521 -13.96 -6.87 23.27
C THR A 521 -14.44 -7.13 21.85
N ALA A 522 -14.34 -8.39 21.38
CA ALA A 522 -14.72 -8.67 20.00
C ALA A 522 -16.18 -8.30 19.73
N ASP A 523 -17.08 -8.70 20.63
CA ASP A 523 -18.50 -8.46 20.44
C ASP A 523 -18.83 -6.97 20.47
N GLY A 524 -18.26 -6.23 21.43
CA GLY A 524 -18.51 -4.80 21.46
C GLY A 524 -17.88 -4.08 20.29
N ASN A 525 -16.71 -4.53 19.85
CA ASN A 525 -16.05 -3.94 18.69
C ASN A 525 -16.91 -4.08 17.45
N ILE A 526 -17.49 -5.27 17.24
CA ILE A 526 -18.28 -5.50 16.05
C ILE A 526 -19.60 -4.72 16.12
N ARG A 527 -20.20 -4.66 17.32
CA ARG A 527 -21.39 -3.83 17.49
C ARG A 527 -21.10 -2.38 17.15
N MSE A 528 -19.99 -1.84 17.66
CA MSE A 528 -19.63 -0.45 17.38
C MSE A 528 -19.33 -0.20 15.91
O MSE A 528 -19.77 0.77 15.34
CB MSE A 528 -18.44 -0.04 18.24
CG MSE A 528 -18.80 0.17 19.68
SE MSE A 528 -17.17 0.63 20.63
CE MSE A 528 -17.97 1.15 22.33
N GLY A 529 -18.54 -1.09 15.30
CA GLY A 529 -18.17 -0.88 13.92
C GLY A 529 -19.34 -0.99 12.96
N THR A 530 -20.19 -2.00 13.14
CA THR A 530 -21.37 -2.09 12.30
C THR A 530 -22.31 -0.92 12.53
N TRP A 531 -22.54 -0.53 13.79
CA TRP A 531 -23.41 0.62 14.03
C TRP A 531 -22.84 1.87 13.36
N TYR A 532 -21.52 2.04 13.41
CA TYR A 532 -20.91 3.22 12.82
C TYR A 532 -20.97 3.18 11.30
N MSE A 533 -20.85 2.01 10.68
CA MSE A 533 -21.06 1.90 9.24
C MSE A 533 -22.46 2.41 8.89
O MSE A 533 -22.64 3.21 7.96
CB MSE A 533 -20.89 0.48 8.73
CG MSE A 533 -19.45 -0.02 8.74
SE MSE A 533 -19.40 -1.94 8.32
CE MSE A 533 -19.87 -1.86 6.44
N ALA A 534 -23.45 1.94 9.65
CA ALA A 534 -24.84 2.32 9.38
C ALA A 534 -25.07 3.81 9.63
N ASP A 535 -24.51 4.33 10.72
CA ASP A 535 -24.72 5.74 11.05
C ASP A 535 -24.03 6.64 10.06
N THR A 536 -22.81 6.29 9.67
CA THR A 536 -22.08 7.06 8.68
C THR A 536 -22.82 7.04 7.34
N LYS A 537 -23.39 5.88 6.98
CA LYS A 537 -24.16 5.80 5.76
C LYS A 537 -25.38 6.71 5.81
N ARG A 538 -26.09 6.74 6.94
CA ARG A 538 -27.27 7.62 7.06
C ARG A 538 -26.89 9.06 6.85
N ARG A 539 -25.71 9.46 7.34
CA ARG A 539 -25.24 10.83 7.26
C ARG A 539 -24.72 11.21 5.89
N LEU A 540 -24.54 10.24 5.00
CA LEU A 540 -23.98 10.51 3.69
C LEU A 540 -24.93 10.04 2.60
N GLN A 541 -26.16 10.56 2.65
CA GLN A 541 -27.17 10.30 1.62
C GLN A 541 -27.41 8.81 1.41
N ASN A 542 -27.15 8.03 2.46
CA ASN A 542 -27.40 6.59 2.50
C ASN A 542 -26.66 5.83 1.40
N ASN A 543 -25.49 6.33 1.01
CA ASN A 543 -24.69 5.74 -0.07
C ASN A 543 -23.55 4.91 0.51
N GLU A 544 -23.39 3.67 0.02
CA GLU A 544 -22.40 2.77 0.61
C GLU A 544 -20.96 3.13 0.22
N VAL A 545 -20.76 3.70 -0.97
CA VAL A 545 -19.41 4.15 -1.34
C VAL A 545 -18.98 5.31 -0.44
N LEU A 546 -19.85 6.31 -0.28
CA LEU A 546 -19.55 7.39 0.63
C LEU A 546 -19.34 6.88 2.05
N ALA A 547 -20.19 5.94 2.49
CA ALA A 547 -20.06 5.41 3.85
C ALA A 547 -18.72 4.73 4.05
N THR A 548 -18.24 3.99 3.05
CA THR A 548 -16.95 3.32 3.18
C THR A 548 -15.82 4.34 3.29
N ALA A 549 -15.84 5.37 2.43
CA ALA A 549 -14.86 6.45 2.53
C ALA A 549 -14.97 7.14 3.88
N GLY A 550 -16.19 7.41 4.33
CA GLY A 550 -16.39 8.11 5.58
C GLY A 550 -15.97 7.33 6.81
N TYR A 551 -16.08 6.01 6.75
CA TYR A 551 -15.65 5.18 7.88
C TYR A 551 -14.15 5.39 8.14
N ASN A 552 -13.36 5.47 7.07
CA ASN A 552 -11.91 5.55 7.18
C ASN A 552 -11.42 6.98 7.33
N ALA A 553 -12.03 7.94 6.63
CA ALA A 553 -11.55 9.31 6.63
C ALA A 553 -12.40 10.27 7.45
N GLY A 554 -13.56 9.84 7.89
CA GLY A 554 -14.50 10.72 8.54
C GLY A 554 -15.60 11.14 7.58
N PRO A 555 -16.84 11.21 8.07
CA PRO A 555 -17.94 11.57 7.17
C PRO A 555 -17.75 12.92 6.53
N GLY A 556 -17.17 13.88 7.25
CA GLY A 556 -16.94 15.20 6.66
C GLY A 556 -16.02 15.18 5.46
N ARG A 557 -14.99 14.32 5.49
CA ARG A 557 -14.11 14.17 4.34
C ARG A 557 -14.85 13.54 3.17
N ALA A 558 -15.56 12.44 3.43
CA ALA A 558 -16.27 11.78 2.34
C ALA A 558 -17.19 12.75 1.62
N ARG A 559 -17.88 13.61 2.38
CA ARG A 559 -18.80 14.57 1.79
C ARG A 559 -18.05 15.65 1.01
N ARG A 560 -16.89 16.09 1.53
CA ARG A 560 -16.10 17.09 0.82
C ARG A 560 -15.67 16.59 -0.55
N TRP A 561 -15.49 15.29 -0.69
CA TRP A 561 -15.01 14.73 -1.94
C TRP A 561 -16.11 14.56 -2.99
N GLN A 562 -17.37 14.79 -2.64
CA GLN A 562 -18.42 14.78 -3.64
C GLN A 562 -18.26 15.96 -4.60
N ALA A 563 -19.01 15.90 -5.69
CA ALA A 563 -19.07 16.98 -6.69
C ALA A 563 -20.44 17.64 -6.63
N ASP A 564 -20.59 18.72 -7.40
CA ASP A 564 -21.88 19.40 -7.52
C ASP A 564 -22.88 18.58 -8.34
N THR A 565 -22.42 17.59 -9.08
CA THR A 565 -23.23 16.69 -9.87
C THR A 565 -22.89 15.28 -9.46
N PRO A 566 -23.67 14.28 -9.92
CA PRO A 566 -23.39 12.89 -9.53
C PRO A 566 -22.05 12.43 -10.09
N LEU A 567 -21.47 11.44 -9.41
CA LEU A 567 -20.23 10.82 -9.84
C LEU A 567 -20.42 9.32 -9.97
N GLU A 568 -19.96 8.74 -11.08
CA GLU A 568 -19.87 7.29 -11.14
C GLU A 568 -19.07 6.79 -9.94
N GLY A 569 -19.56 5.71 -9.31
CA GLY A 569 -18.95 5.29 -8.04
C GLY A 569 -17.45 5.05 -8.11
N ALA A 570 -17.00 4.36 -9.17
CA ALA A 570 -15.57 4.09 -9.29
C ALA A 570 -14.78 5.35 -9.59
N VAL A 571 -15.40 6.35 -10.23
CA VAL A 571 -14.74 7.64 -10.43
C VAL A 571 -14.56 8.38 -9.11
N TYR A 572 -15.61 8.41 -8.27
CA TYR A 572 -15.44 8.93 -6.93
C TYR A 572 -14.29 8.22 -6.21
N ALA A 573 -14.29 6.89 -6.26
CA ALA A 573 -13.28 6.14 -5.52
C ALA A 573 -11.86 6.47 -6.02
N GLU A 574 -11.67 6.47 -7.33
CA GLU A 574 -10.32 6.67 -7.86
C GLU A 574 -9.82 8.10 -7.66
N THR A 575 -10.72 9.04 -7.36
CA THR A 575 -10.31 10.43 -7.19
C THR A 575 -10.39 10.87 -5.74
N ILE A 576 -10.46 9.92 -4.80
CA ILE A 576 -10.32 10.23 -3.38
C ILE A 576 -8.93 10.81 -3.13
N PRO A 577 -8.84 12.01 -2.56
CA PRO A 577 -7.53 12.66 -2.37
C PRO A 577 -6.60 11.95 -1.41
N PHE A 578 -7.11 11.26 -0.39
CA PHE A 578 -6.25 10.59 0.58
C PHE A 578 -5.88 9.22 0.04
N SER A 579 -4.58 8.99 -0.17
CA SER A 579 -4.16 7.73 -0.79
C SER A 579 -4.58 6.53 0.04
N GLU A 580 -4.50 6.62 1.38
CA GLU A 580 -4.93 5.50 2.22
C GLU A 580 -6.40 5.19 1.99
N THR A 581 -7.24 6.22 1.96
CA THR A 581 -8.68 6.01 1.84
C THR A 581 -9.05 5.57 0.44
N ARG A 582 -8.37 6.11 -0.57
CA ARG A 582 -8.61 5.68 -1.94
C ARG A 582 -8.38 4.18 -2.09
N ASP A 583 -7.21 3.71 -1.63
CA ASP A 583 -6.91 2.29 -1.67
C ASP A 583 -7.92 1.49 -0.84
N TYR A 584 -8.27 2.01 0.33
CA TYR A 584 -9.19 1.33 1.24
C TYR A 584 -10.55 1.09 0.58
N VAL A 585 -11.11 2.11 -0.05
CA VAL A 585 -12.46 1.97 -0.61
C VAL A 585 -12.48 0.90 -1.70
N LYS A 586 -11.49 0.93 -2.59
CA LYS A 586 -11.45 -0.09 -3.65
C LYS A 586 -11.27 -1.50 -3.08
N LYS A 587 -10.40 -1.66 -2.07
CA LYS A 587 -10.21 -2.98 -1.48
C LYS A 587 -11.44 -3.44 -0.72
N VAL A 588 -12.10 -2.56 0.04
CA VAL A 588 -13.27 -2.99 0.79
C VAL A 588 -14.37 -3.41 -0.17
N MSE A 589 -14.58 -2.65 -1.23
CA MSE A 589 -15.68 -2.96 -2.13
C MSE A 589 -15.40 -4.20 -2.98
O MSE A 589 -16.29 -4.99 -3.22
CB MSE A 589 -16.02 -1.76 -3.01
CG MSE A 589 -16.58 -0.60 -2.20
SE MSE A 589 -18.15 -1.19 -1.18
CE MSE A 589 -19.25 0.40 -1.32
N ALA A 590 -14.15 -4.38 -3.41
CA ALA A 590 -13.80 -5.63 -4.08
C ALA A 590 -13.97 -6.82 -3.15
N ASN A 591 -13.45 -6.72 -1.91
CA ASN A 591 -13.69 -7.77 -0.92
C ASN A 591 -15.17 -8.10 -0.80
N ALA A 592 -16.00 -7.07 -0.68
CA ALA A 592 -17.44 -7.27 -0.50
C ALA A 592 -18.01 -8.09 -1.63
N ALA A 593 -17.58 -7.83 -2.87
CA ALA A 593 -18.06 -8.62 -3.99
C ALA A 593 -17.68 -10.09 -3.86
N TYR A 594 -16.47 -10.39 -3.40
CA TYR A 594 -16.07 -11.79 -3.21
C TYR A 594 -16.86 -12.44 -2.08
N TYR A 595 -17.04 -11.73 -0.95
CA TYR A 595 -17.81 -12.29 0.15
C TYR A 595 -19.25 -12.55 -0.26
N ALA A 596 -19.85 -11.63 -1.02
CA ALA A 596 -21.24 -11.81 -1.45
C ALA A 596 -21.40 -13.07 -2.29
N ALA A 597 -20.43 -13.33 -3.15
CA ALA A 597 -20.44 -14.56 -3.95
C ALA A 597 -20.30 -15.79 -3.05
N LEU A 598 -19.35 -15.77 -2.12
CA LEU A 598 -19.18 -16.89 -1.20
C LEU A 598 -20.42 -17.13 -0.36
N PHE A 599 -21.13 -16.05 0.02
CA PHE A 599 -22.28 -16.15 0.89
C PHE A 599 -23.55 -16.56 0.15
N GLY A 600 -23.52 -16.60 -1.18
CA GLY A 600 -24.67 -16.99 -1.96
C GLY A 600 -25.76 -15.95 -2.10
N ALA A 601 -25.42 -14.67 -1.88
CA ALA A 601 -26.40 -13.61 -2.00
C ALA A 601 -26.79 -13.44 -3.47
N PRO A 602 -27.97 -12.88 -3.73
CA PRO A 602 -28.32 -12.52 -5.11
C PRO A 602 -27.19 -11.68 -5.70
N HIS A 603 -26.84 -11.99 -6.94
CA HIS A 603 -25.63 -11.43 -7.53
C HIS A 603 -25.74 -9.92 -7.72
N ILE A 604 -24.74 -9.20 -7.26
CA ILE A 604 -24.62 -7.76 -7.47
C ILE A 604 -23.27 -7.53 -8.15
N PRO A 605 -23.25 -7.16 -9.44
CA PRO A 605 -21.98 -6.80 -10.09
C PRO A 605 -21.27 -5.72 -9.28
N LEU A 606 -19.94 -5.77 -9.28
CA LEU A 606 -19.18 -4.76 -8.55
C LEU A 606 -19.49 -3.36 -9.09
N LYS A 607 -19.69 -3.22 -10.40
CA LYS A 607 -20.04 -1.91 -10.95
C LYS A 607 -21.36 -1.41 -10.40
N GLN A 608 -22.32 -2.32 -10.15
CA GLN A 608 -23.58 -1.92 -9.52
C GLN A 608 -23.38 -1.60 -8.04
N ARG A 609 -22.51 -2.35 -7.33
CA ARG A 609 -22.24 -2.01 -5.94
C ARG A 609 -21.64 -0.61 -5.83
N MSE A 610 -20.84 -0.21 -6.82
CA MSE A 610 -20.28 1.14 -6.83
C MSE A 610 -21.33 2.19 -7.23
O MSE A 610 -21.33 3.31 -6.73
CB MSE A 610 -19.08 1.22 -7.79
CG MSE A 610 -17.94 0.28 -7.42
SE MSE A 610 -17.35 0.46 -5.56
CE MSE A 610 -16.59 2.26 -5.59
N GLY A 611 -22.20 1.79 -8.16
CA GLY A 611 -23.36 2.62 -8.48
C GLY A 611 -23.02 4.04 -8.84
N ILE A 612 -23.84 4.97 -8.33
CA ILE A 612 -23.70 6.40 -8.56
C ILE A 612 -23.58 7.10 -7.21
N VAL A 613 -22.52 7.86 -7.01
CA VAL A 613 -22.38 8.69 -5.81
C VAL A 613 -23.16 9.99 -6.04
N PRO A 614 -24.06 10.38 -5.12
CA PRO A 614 -24.93 11.53 -5.40
C PRO A 614 -24.19 12.85 -5.41
N ALA A 615 -24.79 13.83 -6.09
CA ALA A 615 -24.34 15.21 -5.98
C ALA A 615 -24.50 15.68 -4.53
N ARG A 616 -23.58 16.53 -4.11
CA ARG A 616 -23.55 16.93 -2.70
C ARG A 616 -24.83 17.65 -2.32
C1 NDG B . -7.03 3.86 10.44
C2 NDG B . -7.02 5.39 10.33
C3 NDG B . -8.13 6.02 11.19
C4 NDG B . -9.49 5.40 10.88
C5 NDG B . -9.39 3.87 11.03
C6 NDG B . -10.65 3.11 10.59
C7 NDG B . -5.08 6.88 9.89
C8 NDG B . -3.71 7.33 10.42
O5 NDG B . -8.34 3.33 10.21
O3 NDG B . -8.11 7.41 10.91
O4 NDG B . -10.40 5.92 11.83
O6 NDG B . -10.79 3.06 9.15
O7 NDG B . -5.55 7.33 8.85
N2 NDG B . -5.72 5.96 10.67
O1 NDG B . -6.47 3.45 11.66
C1 NAG B . -11.30 6.94 11.37
C2 NAG B . -12.56 6.90 12.26
C3 NAG B . -13.48 8.09 11.98
C4 NAG B . -12.73 9.40 11.99
C5 NAG B . -11.54 9.30 11.05
C6 NAG B . -10.68 10.54 11.02
C7 NAG B . -13.55 4.79 13.07
C8 NAG B . -14.28 3.55 12.67
N2 NAG B . -13.27 5.64 12.08
O3 NAG B . -14.51 8.08 12.98
O4 NAG B . -13.55 10.47 11.54
O5 NAG B . -10.70 8.21 11.46
O6 NAG B . -10.31 10.94 12.33
O7 NAG B . -13.23 5.01 14.23
C1 NAG B . -14.12 11.33 12.55
C2 NAG B . -14.43 12.66 11.91
C3 NAG B . -15.09 13.60 12.92
C4 NAG B . -16.28 12.94 13.61
C5 NAG B . -15.91 11.53 14.11
C6 NAG B . -17.12 10.74 14.54
C7 NAG B . -13.21 13.91 10.19
C8 NAG B . -11.90 14.51 9.83
N2 NAG B . -13.24 13.28 11.37
O3 NAG B . -15.54 14.77 12.24
O4 NAG B . -16.62 13.73 14.74
O5 NAG B . -15.29 10.77 13.07
O6 NAG B . -17.98 10.53 13.41
O7 NAG B . -14.20 14.00 9.46
C1 NAG B . -17.98 14.20 14.85
C2 NAG B . -18.08 14.88 16.23
C3 NAG B . -19.47 15.49 16.45
C4 NAG B . -19.89 16.34 15.25
C5 NAG B . -19.69 15.60 13.94
C6 NAG B . -19.94 16.48 12.73
C7 NAG B . -16.69 14.03 18.06
C8 NAG B . -16.54 12.97 19.12
N2 NAG B . -17.78 13.94 17.29
O3 NAG B . -19.43 16.30 17.62
O4 NAG B . -21.26 16.70 15.40
O5 NAG B . -18.35 15.13 13.84
O6 NAG B . -19.44 17.79 12.95
O7 NAG B . -15.85 14.92 17.92
C1 NAG C . -5.22 -1.63 8.03
C2 NAG C . -5.06 -0.89 9.35
C3 NAG C . -6.29 -0.05 9.63
C4 NAG C . -6.59 0.88 8.46
C5 NAG C . -6.64 0.11 7.14
C6 NAG C . -6.71 1.02 5.94
C7 NAG C . -3.78 -1.71 11.29
C8 NAG C . -3.71 -2.73 12.38
N2 NAG C . -4.82 -1.81 10.45
O1 NAG C . -4.05 -2.34 7.75
O3 NAG C . -6.10 0.71 10.82
O4 NAG C . -7.85 1.50 8.65
O5 NAG C . -5.45 -0.69 6.98
O6 NAG C . -6.36 0.34 4.75
O7 NAG C . -2.94 -0.82 11.17
CAC FLC D . -16.62 22.80 -10.52
CA FLC D . -16.78 21.34 -10.94
CB FLC D . -16.37 20.36 -9.84
CBC FLC D . -17.39 20.33 -8.73
CG FLC D . -16.24 18.98 -10.48
CGC FLC D . -15.88 17.84 -9.55
OA1 FLC D . -15.65 23.15 -9.83
OA2 FLC D . -17.49 23.61 -10.91
OB1 FLC D . -17.06 20.76 -7.60
OB2 FLC D . -18.53 19.86 -8.97
OG1 FLC D . -15.71 18.02 -8.33
OG2 FLC D . -15.78 16.72 -10.08
OHB FLC D . -15.08 20.76 -9.36
#